data_7NY2
#
_entry.id   7NY2
#
_cell.length_a   67.459
_cell.length_b   104.964
_cell.length_c   110.693
_cell.angle_alpha   90.000
_cell.angle_beta   90.000
_cell.angle_gamma   90.000
#
_symmetry.space_group_name_H-M   'P 21 21 21'
#
loop_
_entity.id
_entity.type
_entity.pdbx_description
1 polymer 'Branched-chain-amino-acid aminotransferase, cytosolic'
2 non-polymer 4-[2,4-bis(oxidanylidene)-6-(trifluoromethyl)-1H-pyrimidin-3-yl]-2-(2-methylphenoxy)naphthalene-1-carbonitrile
3 non-polymer "PYRIDOXAL-5'-PHOSPHATE"
4 non-polymer 'MAGNESIUM ION'
5 water water
#
_entity_poly.entity_id   1
_entity_poly.type   'polypeptide(L)'
_entity_poly.pdbx_seq_one_letter_code
;GPGMKDCSNGCSAECTGEGGSKEVVGTFKAKDLIVTPATILKEKPDPNNLVFGTVFTDHMLTVEWSSEFGWEKPHIKPLQ
NLSLHPGSSALHYAVELFEGLKAFRGVDNKIRLFQPNLNMDRMYRSAVRATLPVFDKEELLECIQQLVKLDQEWVPYSTS
ASLYIRPTFIGTEPSLGVKKPTKALLFVLLSPVGPYFSSGTFNPVSLWANPKYVRAWKGGTGDCKMGGNYGSSLFAQCEA
VDNGCQQVLWLYGEDHQITEVGTMNLFLYWINEDGEEELATPPLDGIILPGVTRRCILDLAHQWGEFKVSERYLTMDDLT
TALEGNRVREMFGSGTACVVCPVSDILYKGETIHIPTMENGPKLASRILSKLTDIQYGREERDWTIVLS
;
_entity_poly.pdbx_strand_id   A,B
#
loop_
_chem_comp.id
_chem_comp.type
_chem_comp.name
_chem_comp.formula
MG non-polymer 'MAGNESIUM ION' 'Mg 2'
PLP non-polymer PYRIDOXAL-5'-PHOSPHATE 'C8 H10 N O6 P'
UUQ non-polymer 4-[2,4-bis(oxidanylidene)-6-(trifluoromethyl)-1H-pyrimidin-3-yl]-2-(2-methylphenoxy)naphthalene-1-carbonitrile 'C23 H14 F3 N3 O3'
#
# COMPACT_ATOMS: atom_id res chain seq x y z
N GLY A 26 -19.88 16.87 4.94
CA GLY A 26 -19.56 18.32 4.78
C GLY A 26 -18.22 18.53 4.11
N THR A 27 -17.76 19.79 4.12
CA THR A 27 -16.48 20.24 3.48
C THR A 27 -15.86 21.40 4.26
N PHE A 28 -14.54 21.52 4.27
CA PHE A 28 -13.84 22.81 4.60
C PHE A 28 -14.18 23.86 3.55
N LYS A 29 -13.95 25.14 3.87
CA LYS A 29 -14.35 26.28 2.98
C LYS A 29 -13.14 27.18 2.74
N ALA A 30 -12.82 27.46 1.48
CA ALA A 30 -11.70 28.35 1.11
C ALA A 30 -11.88 29.72 1.79
N LYS A 31 -13.11 30.16 2.05
CA LYS A 31 -13.32 31.52 2.62
C LYS A 31 -13.05 31.50 4.12
N ASP A 32 -12.80 30.32 4.72
CA ASP A 32 -12.45 30.20 6.17
C ASP A 32 -10.93 30.12 6.37
N LEU A 33 -10.15 30.17 5.29
CA LEU A 33 -8.66 30.14 5.32
C LEU A 33 -8.09 31.03 6.40
N ILE A 34 -7.22 30.47 7.24
CA ILE A 34 -6.32 31.21 8.18
C ILE A 34 -4.88 31.08 7.67
N VAL A 35 -4.25 32.22 7.41
CA VAL A 35 -2.88 32.36 6.83
C VAL A 35 -1.96 32.88 7.94
N THR A 36 -0.91 32.13 8.26
CA THR A 36 0.24 32.54 9.12
C THR A 36 1.50 32.57 8.25
N PRO A 37 1.88 33.76 7.71
CA PRO A 37 3.10 33.90 6.91
C PRO A 37 4.40 33.66 7.71
N ALA A 38 5.45 33.15 7.05
CA ALA A 38 6.78 32.92 7.68
C ALA A 38 7.49 34.28 7.85
N THR A 39 8.31 34.43 8.89
CA THR A 39 9.16 35.64 9.14
C THR A 39 10.51 35.56 8.41
N ILE A 40 11.10 34.36 8.29
CA ILE A 40 12.39 34.12 7.57
C ILE A 40 12.10 33.23 6.36
N LEU A 41 12.54 33.66 5.18
CA LEU A 41 12.27 33.01 3.87
C LEU A 41 13.56 32.30 3.43
N LYS A 42 13.48 31.21 2.69
CA LYS A 42 14.66 30.46 2.19
C LYS A 42 15.04 31.01 0.81
N GLU A 43 16.32 30.89 0.45
CA GLU A 43 16.88 31.33 -0.86
C GLU A 43 16.42 30.35 -1.96
N LYS A 44 15.98 30.89 -3.10
CA LYS A 44 15.46 30.09 -4.24
C LYS A 44 16.63 29.38 -4.92
N PRO A 45 16.48 28.10 -5.33
CA PRO A 45 17.56 27.37 -6.00
C PRO A 45 17.74 27.89 -7.44
N ASP A 46 18.85 27.54 -8.09
CA ASP A 46 19.05 27.91 -9.52
C ASP A 46 18.17 27.00 -10.38
N PRO A 47 17.37 27.56 -11.32
CA PRO A 47 16.44 26.75 -12.12
C PRO A 47 17.11 25.75 -13.08
N ASN A 48 18.38 25.98 -13.44
CA ASN A 48 19.24 25.23 -14.40
C ASN A 48 19.90 24.00 -13.74
N ASN A 49 19.76 23.84 -12.43
CA ASN A 49 19.96 22.56 -11.72
C ASN A 49 18.54 22.05 -11.47
N LEU A 50 18.18 21.90 -10.19
CA LEU A 50 16.89 21.33 -9.70
C LEU A 50 16.88 19.82 -9.91
N VAL A 51 16.75 19.09 -8.82
CA VAL A 51 16.54 17.62 -8.78
C VAL A 51 15.12 17.45 -8.27
N PHE A 52 14.34 16.62 -8.95
CA PHE A 52 12.90 16.42 -8.69
C PHE A 52 12.65 16.09 -7.21
N GLY A 53 11.75 16.88 -6.59
CA GLY A 53 11.13 16.59 -5.28
C GLY A 53 12.09 16.69 -4.12
N THR A 54 13.21 17.40 -4.23
CA THR A 54 14.19 17.54 -3.11
C THR A 54 14.16 18.93 -2.46
N VAL A 55 13.67 19.97 -3.15
CA VAL A 55 13.60 21.35 -2.61
C VAL A 55 12.13 21.69 -2.32
N PHE A 56 11.84 22.34 -1.20
CA PHE A 56 10.46 22.67 -0.75
C PHE A 56 10.37 24.17 -0.48
N THR A 57 9.19 24.78 -0.72
CA THR A 57 8.91 26.25 -0.58
C THR A 57 8.70 26.61 0.91
N ASP A 58 8.41 27.87 1.17
CA ASP A 58 8.27 28.50 2.52
C ASP A 58 6.98 28.02 3.21
N HIS A 59 5.90 27.74 2.45
CA HIS A 59 4.54 27.47 3.02
C HIS A 59 3.96 26.14 2.51
N MET A 60 3.06 25.55 3.32
CA MET A 60 2.24 24.33 3.07
C MET A 60 0.78 24.59 3.47
N LEU A 61 -0.16 23.79 2.98
CA LEU A 61 -1.59 23.85 3.41
C LEU A 61 -1.88 22.61 4.26
N THR A 62 -2.61 22.78 5.36
CA THR A 62 -3.07 21.68 6.25
C THR A 62 -4.59 21.83 6.48
N VAL A 63 -5.34 20.74 6.45
CA VAL A 63 -6.76 20.68 6.90
C VAL A 63 -6.99 19.35 7.67
N GLU A 64 -7.44 19.45 8.92
CA GLU A 64 -7.77 18.34 9.86
C GLU A 64 -9.23 17.91 9.71
N TRP A 65 -9.48 16.60 9.82
CA TRP A 65 -10.86 16.03 9.90
C TRP A 65 -11.01 15.11 11.11
N SER A 66 -12.21 15.04 11.68
CA SER A 66 -12.67 13.96 12.60
C SER A 66 -14.11 13.52 12.27
N SER A 67 -14.48 12.28 12.60
CA SER A 67 -15.86 11.75 12.42
C SER A 67 -16.81 12.46 13.39
N GLU A 68 -16.29 12.82 14.58
CA GLU A 68 -17.05 13.46 15.69
C GLU A 68 -17.44 14.90 15.27
N PHE A 69 -16.53 15.71 14.72
CA PHE A 69 -16.79 17.16 14.49
C PHE A 69 -16.62 17.59 13.03
N GLY A 70 -16.42 16.67 12.09
CA GLY A 70 -16.31 17.03 10.65
C GLY A 70 -14.99 17.70 10.28
N TRP A 71 -14.99 18.49 9.20
CA TRP A 71 -13.80 19.22 8.68
C TRP A 71 -13.53 20.49 9.48
N GLU A 72 -12.30 20.66 9.97
CA GLU A 72 -11.82 21.91 10.65
CA GLU A 72 -11.85 21.92 10.66
C GLU A 72 -11.49 22.95 9.58
N LYS A 73 -11.00 24.12 9.97
CA LYS A 73 -10.72 25.21 8.98
C LYS A 73 -9.35 24.99 8.39
N PRO A 74 -9.14 25.20 7.08
CA PRO A 74 -7.81 25.06 6.47
C PRO A 74 -6.80 26.10 6.96
N HIS A 75 -5.52 25.74 6.95
CA HIS A 75 -4.41 26.63 7.32
C HIS A 75 -3.36 26.72 6.23
N ILE A 76 -2.84 27.93 5.98
CA ILE A 76 -1.58 28.17 5.21
C ILE A 76 -0.55 28.71 6.21
N LYS A 77 0.52 27.94 6.42
CA LYS A 77 1.53 28.21 7.48
C LYS A 77 2.90 27.72 7.00
N PRO A 78 4.00 28.10 7.70
CA PRO A 78 5.33 27.67 7.31
C PRO A 78 5.45 26.13 7.19
N LEU A 79 6.20 25.66 6.22
CA LEU A 79 6.59 24.23 6.15
C LEU A 79 7.05 23.81 7.54
N GLN A 80 6.61 22.63 7.99
CA GLN A 80 7.02 22.05 9.28
C GLN A 80 6.86 20.53 9.19
N ASN A 81 7.46 19.79 10.12
CA ASN A 81 7.29 18.31 10.24
C ASN A 81 5.85 18.07 10.71
N LEU A 82 5.30 16.91 10.40
CA LEU A 82 4.01 16.44 10.93
C LEU A 82 4.28 15.67 12.23
N SER A 83 3.39 15.87 13.19
CA SER A 83 3.36 15.23 14.53
C SER A 83 2.28 14.13 14.47
N LEU A 84 2.67 12.88 14.26
CA LEU A 84 1.70 11.77 14.16
C LEU A 84 1.89 10.82 15.35
N HIS A 85 0.77 10.32 15.90
CA HIS A 85 0.73 9.19 16.85
C HIS A 85 1.36 7.99 16.17
N PRO A 86 2.30 7.26 16.80
CA PRO A 86 2.95 6.10 16.15
C PRO A 86 1.95 5.06 15.66
N GLY A 87 0.73 5.07 16.20
CA GLY A 87 -0.38 4.17 15.84
C GLY A 87 -1.10 4.59 14.55
N SER A 88 -0.69 5.65 13.87
CA SER A 88 -1.51 6.27 12.77
C SER A 88 -1.69 5.28 11.61
N SER A 89 -2.92 5.06 11.14
CA SER A 89 -3.28 3.99 10.17
C SER A 89 -2.52 4.12 8.84
N ALA A 90 -2.13 5.33 8.45
CA ALA A 90 -1.26 5.55 7.26
C ALA A 90 0.11 4.84 7.39
N LEU A 91 0.69 4.67 8.58
CA LEU A 91 2.06 4.11 8.68
C LEU A 91 2.00 2.58 8.72
N HIS A 92 0.83 2.00 9.07
CA HIS A 92 0.61 0.55 9.28
C HIS A 92 -0.08 -0.12 8.08
N TYR A 93 -1.18 0.44 7.53
CA TYR A 93 -2.11 -0.21 6.57
C TYR A 93 -2.28 0.64 5.30
N ALA A 94 -1.30 1.50 5.04
CA ALA A 94 -1.25 2.36 3.83
C ALA A 94 -2.59 3.08 3.55
N VAL A 95 -3.19 3.63 4.60
CA VAL A 95 -4.44 4.44 4.45
C VAL A 95 -4.02 5.85 4.05
N GLU A 96 -3.91 6.08 2.74
CA GLU A 96 -3.16 7.19 2.10
C GLU A 96 -3.41 7.19 0.57
N LEU A 97 -3.38 8.40 0.00
CA LEU A 97 -3.42 8.70 -1.46
C LEU A 97 -2.79 10.08 -1.70
N PHE A 98 -2.46 10.37 -2.96
CA PHE A 98 -1.76 11.60 -3.41
C PHE A 98 -2.23 11.96 -4.83
N GLU A 99 -1.78 13.13 -5.28
CA GLU A 99 -1.93 13.64 -6.65
C GLU A 99 -0.65 14.37 -6.99
N GLY A 100 -0.53 14.74 -8.26
CA GLY A 100 0.64 15.41 -8.88
C GLY A 100 0.21 16.25 -10.08
N LEU A 101 0.33 17.58 -9.97
CA LEU A 101 0.11 18.54 -11.08
C LEU A 101 1.07 19.74 -10.95
N LYS A 102 1.21 20.49 -12.04
CA LYS A 102 2.20 21.60 -12.12
C LYS A 102 1.51 22.98 -12.30
N ALA A 103 2.27 24.02 -11.91
CA ALA A 103 2.08 25.46 -12.25
C ALA A 103 3.26 25.90 -13.13
N PHE A 104 2.98 26.69 -14.18
CA PHE A 104 3.93 27.10 -15.23
C PHE A 104 3.94 28.64 -15.27
N ARG A 105 5.14 29.25 -15.16
CA ARG A 105 5.42 30.68 -15.51
C ARG A 105 5.51 30.82 -17.03
N GLY A 106 4.52 31.47 -17.63
CA GLY A 106 4.36 31.59 -19.09
C GLY A 106 5.31 32.63 -19.67
N VAL A 107 5.31 32.76 -21.00
CA VAL A 107 6.21 33.67 -21.78
C VAL A 107 5.70 35.12 -21.62
N ASP A 108 4.45 35.28 -21.20
CA ASP A 108 3.86 36.60 -20.84
C ASP A 108 3.97 36.84 -19.32
N ASN A 109 4.66 35.96 -18.59
CA ASN A 109 4.96 36.07 -17.14
C ASN A 109 3.67 35.94 -16.32
N LYS A 110 2.65 35.26 -16.87
CA LYS A 110 1.42 34.82 -16.15
C LYS A 110 1.58 33.34 -15.76
N ILE A 111 1.22 33.02 -14.52
CA ILE A 111 1.30 31.68 -13.92
C ILE A 111 0.01 30.94 -14.30
N ARG A 112 0.10 29.67 -14.71
CA ARG A 112 -1.07 28.91 -15.21
C ARG A 112 -1.08 27.54 -14.57
N LEU A 113 -2.30 27.03 -14.33
CA LEU A 113 -2.54 25.59 -14.08
C LEU A 113 -3.12 24.97 -15.35
N PHE A 114 -2.85 23.67 -15.49
CA PHE A 114 -3.15 22.80 -16.64
C PHE A 114 -4.07 21.67 -16.17
N GLN A 115 -5.33 21.65 -16.63
CA GLN A 115 -6.36 20.60 -16.36
C GLN A 115 -6.44 20.24 -14.87
N PRO A 116 -6.50 21.21 -13.93
CA PRO A 116 -6.42 20.87 -12.50
C PRO A 116 -7.74 20.23 -12.02
N ASN A 117 -8.85 20.49 -12.73
CA ASN A 117 -10.17 19.89 -12.44
CA ASN A 117 -10.18 19.89 -12.47
C ASN A 117 -10.12 18.37 -12.63
N LEU A 118 -9.37 17.85 -13.60
CA LEU A 118 -9.20 16.38 -13.79
C LEU A 118 -8.44 15.80 -12.60
N ASN A 119 -7.47 16.51 -12.01
CA ASN A 119 -6.74 16.06 -10.81
C ASN A 119 -7.67 16.03 -9.59
N MET A 120 -8.53 17.04 -9.41
CA MET A 120 -9.49 17.07 -8.27
C MET A 120 -10.46 15.89 -8.39
N ASP A 121 -11.03 15.61 -9.59
CA ASP A 121 -11.98 14.49 -9.90
C ASP A 121 -11.32 13.14 -9.50
N ARG A 122 -10.05 12.97 -9.84
CA ARG A 122 -9.31 11.70 -9.58
C ARG A 122 -9.00 11.57 -8.08
N MET A 123 -8.79 12.71 -7.38
CA MET A 123 -8.49 12.70 -5.93
C MET A 123 -9.74 12.29 -5.15
N TYR A 124 -10.91 12.81 -5.56
CA TYR A 124 -12.22 12.50 -4.94
C TYR A 124 -12.49 10.99 -5.14
N ARG A 125 -12.46 10.48 -6.39
CA ARG A 125 -12.67 9.03 -6.63
C ARG A 125 -11.70 8.21 -5.76
N SER A 126 -10.43 8.55 -5.66
CA SER A 126 -9.46 7.71 -4.90
C SER A 126 -9.82 7.71 -3.41
N ALA A 127 -10.25 8.84 -2.85
CA ALA A 127 -10.66 8.99 -1.43
C ALA A 127 -11.79 8.01 -1.05
N VAL A 128 -12.83 7.95 -1.90
CA VAL A 128 -14.00 7.04 -1.76
C VAL A 128 -13.50 5.59 -1.76
N ARG A 129 -12.68 5.20 -2.74
CA ARG A 129 -12.17 3.81 -2.80
C ARG A 129 -11.28 3.49 -1.58
N ALA A 130 -10.60 4.47 -0.94
CA ALA A 130 -9.69 4.21 0.21
C ALA A 130 -10.42 4.39 1.56
N THR A 131 -11.66 4.82 1.55
CA THR A 131 -12.55 5.09 2.73
C THR A 131 -12.09 6.32 3.53
N LEU A 132 -11.38 7.24 2.89
CA LEU A 132 -11.12 8.58 3.48
C LEU A 132 -12.31 9.49 3.23
N PRO A 133 -12.53 10.51 4.09
CA PRO A 133 -13.69 11.41 3.93
C PRO A 133 -13.69 12.27 2.65
N VAL A 134 -14.83 12.49 2.01
CA VAL A 134 -14.93 13.29 0.76
C VAL A 134 -14.88 14.79 1.12
N PHE A 135 -14.65 15.63 0.11
CA PHE A 135 -14.49 17.09 0.23
C PHE A 135 -15.01 17.75 -1.06
N ASP A 136 -15.28 19.06 -0.99
CA ASP A 136 -15.73 19.87 -2.15
C ASP A 136 -14.50 20.19 -3.01
N LYS A 137 -14.54 19.81 -4.30
CA LYS A 137 -13.39 19.86 -5.23
C LYS A 137 -13.08 21.32 -5.57
N GLU A 138 -14.12 22.15 -5.66
CA GLU A 138 -14.00 23.59 -5.92
C GLU A 138 -13.29 24.26 -4.75
N GLU A 139 -13.54 23.83 -3.52
CA GLU A 139 -12.93 24.44 -2.30
C GLU A 139 -11.45 24.07 -2.19
N LEU A 140 -11.06 22.84 -2.57
CA LEU A 140 -9.63 22.41 -2.46
C LEU A 140 -8.81 23.21 -3.46
N LEU A 141 -9.30 23.28 -4.71
CA LEU A 141 -8.56 23.94 -5.79
C LEU A 141 -8.34 25.43 -5.46
N GLU A 142 -9.35 26.12 -4.92
CA GLU A 142 -9.22 27.57 -4.56
C GLU A 142 -8.23 27.69 -3.39
N CYS A 143 -8.25 26.77 -2.40
CA CYS A 143 -7.22 26.77 -1.32
C CYS A 143 -5.83 26.60 -1.96
N ILE A 144 -5.70 25.70 -2.95
CA ILE A 144 -4.41 25.42 -3.66
C ILE A 144 -3.96 26.70 -4.40
N GLN A 145 -4.86 27.33 -5.13
CA GLN A 145 -4.57 28.63 -5.80
C GLN A 145 -4.04 29.70 -4.81
N GLN A 146 -4.57 29.77 -3.60
CA GLN A 146 -4.07 30.78 -2.61
C GLN A 146 -2.66 30.39 -2.15
N LEU A 147 -2.38 29.10 -2.04
CA LEU A 147 -1.05 28.53 -1.65
C LEU A 147 0.03 28.92 -2.67
N VAL A 148 -0.25 28.72 -3.96
CA VAL A 148 0.74 29.03 -5.04
C VAL A 148 0.87 30.55 -5.18
N LYS A 149 -0.25 31.27 -5.09
CA LYS A 149 -0.26 32.75 -5.18
C LYS A 149 0.64 33.33 -4.07
N LEU A 150 0.52 32.91 -2.81
CA LEU A 150 1.43 33.41 -1.72
C LEU A 150 2.90 33.10 -2.03
N ASP A 151 3.20 31.89 -2.54
CA ASP A 151 4.56 31.39 -2.82
C ASP A 151 4.91 31.52 -4.32
N GLN A 152 4.34 32.54 -5.02
CA GLN A 152 4.37 32.59 -6.51
C GLN A 152 5.77 32.83 -7.08
N GLU A 153 6.72 33.34 -6.29
CA GLU A 153 8.13 33.60 -6.71
C GLU A 153 8.91 32.29 -6.77
N TRP A 154 8.41 31.22 -6.18
CA TRP A 154 9.04 29.88 -6.27
C TRP A 154 8.73 29.25 -7.63
N VAL A 155 7.75 29.78 -8.38
CA VAL A 155 7.44 29.30 -9.76
C VAL A 155 8.57 29.77 -10.68
N PRO A 156 9.42 28.86 -11.20
CA PRO A 156 10.71 29.27 -11.80
C PRO A 156 10.68 30.28 -12.97
N TYR A 157 11.79 31.04 -13.07
CA TYR A 157 12.06 32.00 -14.16
C TYR A 157 12.83 31.24 -15.24
N SER A 158 12.12 30.36 -15.95
CA SER A 158 12.64 29.42 -17.00
C SER A 158 11.45 28.72 -17.68
N THR A 159 11.44 28.67 -19.02
CA THR A 159 10.37 28.02 -19.82
C THR A 159 10.67 26.52 -20.01
N SER A 160 11.66 25.97 -19.29
CA SER A 160 11.91 24.50 -19.22
C SER A 160 11.74 23.99 -17.78
N ALA A 161 11.26 24.82 -16.85
CA ALA A 161 11.09 24.49 -15.43
C ALA A 161 9.64 24.78 -14.99
N SER A 162 9.26 24.31 -13.79
CA SER A 162 7.90 24.38 -13.23
C SER A 162 7.92 24.20 -11.71
N LEU A 163 6.78 24.44 -11.08
CA LEU A 163 6.52 24.15 -9.65
C LEU A 163 5.61 22.94 -9.56
N TYR A 164 6.08 21.84 -8.94
CA TYR A 164 5.27 20.61 -8.75
C TYR A 164 4.37 20.88 -7.55
N ILE A 165 3.11 20.47 -7.69
CA ILE A 165 2.08 20.52 -6.62
C ILE A 165 1.75 19.10 -6.16
N ARG A 166 1.80 18.86 -4.85
CA ARG A 166 1.68 17.52 -4.20
C ARG A 166 0.61 17.60 -3.11
N PRO A 167 -0.69 17.46 -3.48
CA PRO A 167 -1.71 17.11 -2.50
C PRO A 167 -1.53 15.67 -2.01
N THR A 168 -1.69 15.47 -0.69
CA THR A 168 -1.54 14.19 0.05
C THR A 168 -2.67 14.11 1.10
N PHE A 169 -3.20 12.90 1.34
CA PHE A 169 -4.36 12.62 2.23
C PHE A 169 -4.07 11.30 2.97
N ILE A 170 -4.02 11.33 4.33
CA ILE A 170 -3.56 10.18 5.17
C ILE A 170 -4.49 9.96 6.37
N GLY A 171 -4.72 8.70 6.73
CA GLY A 171 -5.34 8.31 8.02
C GLY A 171 -4.42 8.52 9.23
N THR A 172 -4.96 9.13 10.29
CA THR A 172 -4.22 9.58 11.50
C THR A 172 -4.91 9.03 12.75
N GLU A 173 -5.84 8.08 12.58
CA GLU A 173 -6.51 7.27 13.65
C GLU A 173 -5.45 6.66 14.57
N PRO A 174 -5.38 7.00 15.88
CA PRO A 174 -4.41 6.36 16.78
C PRO A 174 -4.83 4.95 17.24
N SER A 175 -4.93 3.97 16.33
CA SER A 175 -5.36 2.59 16.69
C SER A 175 -4.88 1.56 15.67
N LEU A 176 -4.71 0.31 16.10
CA LEU A 176 -4.14 -0.81 15.30
C LEU A 176 -5.26 -1.64 14.65
N GLY A 177 -6.51 -1.34 14.95
CA GLY A 177 -7.64 -2.03 14.34
C GLY A 177 -7.62 -1.79 12.85
N VAL A 178 -7.82 -2.80 12.02
CA VAL A 178 -7.90 -2.62 10.54
C VAL A 178 -9.29 -2.15 10.21
N LYS A 179 -9.50 -0.83 9.98
CA LYS A 179 -10.85 -0.32 9.58
C LYS A 179 -10.84 1.10 9.00
N LYS A 180 -12.03 1.58 8.61
CA LYS A 180 -12.23 2.97 8.12
C LYS A 180 -11.81 3.99 9.19
N PRO A 181 -10.96 4.97 8.86
CA PRO A 181 -10.45 5.89 9.88
C PRO A 181 -11.50 6.92 10.34
N THR A 182 -11.42 7.29 11.63
CA THR A 182 -12.24 8.34 12.30
C THR A 182 -11.44 9.64 12.43
N LYS A 183 -10.22 9.68 11.89
CA LYS A 183 -9.30 10.84 11.93
C LYS A 183 -8.44 10.84 10.67
N ALA A 184 -8.10 12.04 10.16
CA ALA A 184 -7.34 12.18 8.90
C ALA A 184 -6.80 13.60 8.76
N LEU A 185 -5.69 13.71 8.02
CA LEU A 185 -5.07 14.99 7.61
C LEU A 185 -5.01 15.03 6.07
N LEU A 186 -5.32 16.21 5.51
CA LEU A 186 -5.16 16.58 4.08
C LEU A 186 -4.16 17.72 4.06
N PHE A 187 -3.08 17.59 3.28
CA PHE A 187 -1.98 18.62 3.24
C PHE A 187 -1.45 18.76 1.82
N VAL A 188 -0.91 19.94 1.51
CA VAL A 188 -0.35 20.19 0.16
C VAL A 188 1.07 20.76 0.27
N LEU A 189 2.01 20.09 -0.43
CA LEU A 189 3.44 20.46 -0.61
C LEU A 189 3.68 21.05 -1.98
N LEU A 190 4.67 21.94 -2.05
CA LEU A 190 5.13 22.67 -3.25
C LEU A 190 6.64 22.44 -3.39
N SER A 191 7.09 22.10 -4.59
CA SER A 191 8.50 21.72 -4.87
C SER A 191 8.84 22.20 -6.28
N PRO A 192 9.80 23.12 -6.52
CA PRO A 192 10.27 23.44 -7.88
C PRO A 192 11.15 22.37 -8.56
N VAL A 193 10.92 22.08 -9.85
CA VAL A 193 11.57 20.97 -10.62
C VAL A 193 12.11 21.48 -11.97
N GLY A 194 13.24 20.92 -12.41
CA GLY A 194 13.86 21.17 -13.73
C GLY A 194 13.08 20.47 -14.84
N PRO A 195 13.59 20.57 -16.09
CA PRO A 195 13.03 19.80 -17.21
C PRO A 195 13.38 18.32 -17.03
N TYR A 196 12.62 17.39 -17.63
CA TYR A 196 12.79 15.93 -17.38
C TYR A 196 14.20 15.52 -17.82
N PHE A 197 14.57 15.83 -19.08
CA PHE A 197 15.94 15.66 -19.64
C PHE A 197 16.62 17.03 -19.68
N SER A 198 17.59 17.23 -18.77
CA SER A 198 18.36 18.49 -18.56
C SER A 198 18.95 19.02 -19.88
N SER A 199 19.29 18.15 -20.84
CA SER A 199 19.73 18.56 -22.20
C SER A 199 18.64 19.40 -22.89
N GLY A 200 17.36 19.04 -22.71
CA GLY A 200 16.20 19.69 -23.35
C GLY A 200 15.74 18.95 -24.61
N THR A 201 16.38 17.81 -24.92
CA THR A 201 16.09 16.99 -26.12
C THR A 201 15.85 15.53 -25.72
N PHE A 202 15.14 14.80 -26.59
CA PHE A 202 14.72 13.39 -26.40
C PHE A 202 15.96 12.50 -26.21
N ASN A 203 16.17 12.03 -24.98
CA ASN A 203 16.97 10.83 -24.65
C ASN A 203 16.02 9.64 -24.59
N PRO A 204 16.03 8.70 -25.55
CA PRO A 204 15.18 7.50 -25.47
C PRO A 204 15.61 6.54 -24.36
N VAL A 205 14.64 5.80 -23.79
CA VAL A 205 14.80 4.89 -22.62
C VAL A 205 14.69 3.41 -23.02
N SER A 206 15.44 2.53 -22.33
CA SER A 206 15.32 1.05 -22.39
C SER A 206 14.42 0.57 -21.24
N LEU A 207 13.61 -0.45 -21.52
CA LEU A 207 12.59 -1.04 -20.61
C LEU A 207 13.00 -2.49 -20.24
N TRP A 208 12.85 -2.84 -18.97
CA TRP A 208 13.02 -4.20 -18.36
C TRP A 208 11.64 -4.87 -18.31
N ALA A 209 11.49 -5.98 -19.05
CA ALA A 209 10.20 -6.71 -19.20
C ALA A 209 10.33 -8.09 -18.56
N ASN A 210 9.85 -8.21 -17.32
CA ASN A 210 9.91 -9.46 -16.51
C ASN A 210 8.50 -9.81 -15.98
N PRO A 211 7.87 -10.91 -16.48
CA PRO A 211 6.46 -11.18 -16.16
C PRO A 211 6.22 -11.66 -14.73
N LYS A 212 7.29 -11.98 -14.00
CA LYS A 212 7.18 -12.38 -12.58
C LYS A 212 6.73 -11.18 -11.72
N TYR A 213 6.86 -9.91 -12.12
CA TYR A 213 6.27 -8.75 -11.37
C TYR A 213 4.99 -8.22 -12.05
N VAL A 214 3.96 -8.02 -11.22
CA VAL A 214 2.61 -7.53 -11.64
C VAL A 214 2.25 -6.31 -10.80
N ARG A 215 1.93 -5.23 -11.49
CA ARG A 215 1.70 -3.89 -10.87
C ARG A 215 0.29 -3.82 -10.25
N ALA A 216 -0.68 -4.46 -10.91
CA ALA A 216 -2.12 -4.26 -10.70
C ALA A 216 -2.90 -5.45 -11.29
N TRP A 217 -3.95 -5.87 -10.57
CA TRP A 217 -4.81 -7.03 -10.91
C TRP A 217 -6.27 -6.55 -10.95
N LYS A 218 -7.12 -7.19 -11.74
CA LYS A 218 -8.59 -6.94 -11.76
C LYS A 218 -9.17 -7.23 -10.36
N GLY A 219 -9.99 -6.33 -9.85
CA GLY A 219 -10.53 -6.40 -8.47
C GLY A 219 -9.64 -5.72 -7.46
N GLY A 220 -8.52 -5.13 -7.89
CA GLY A 220 -7.61 -4.31 -7.05
C GLY A 220 -7.83 -2.80 -7.21
N THR A 221 -6.82 -1.97 -6.87
CA THR A 221 -6.88 -0.48 -6.73
C THR A 221 -5.92 0.23 -7.71
N GLY A 222 -5.39 -0.49 -8.70
CA GLY A 222 -4.48 0.01 -9.74
C GLY A 222 -5.03 1.18 -10.57
N ASP A 223 -6.33 1.46 -10.56
CA ASP A 223 -6.85 2.62 -11.36
C ASP A 223 -7.05 3.85 -10.46
N CYS A 224 -6.50 3.85 -9.23
CA CYS A 224 -6.56 4.98 -8.26
C CYS A 224 -5.15 5.32 -7.83
N LYS A 225 -4.89 6.58 -7.43
CA LYS A 225 -3.51 6.98 -7.00
C LYS A 225 -3.39 6.76 -5.49
N MET A 226 -3.47 5.49 -5.05
CA MET A 226 -3.42 5.13 -3.61
C MET A 226 -2.01 4.61 -3.32
N GLY A 227 -1.43 5.01 -2.19
CA GLY A 227 -0.01 4.75 -1.88
C GLY A 227 0.40 3.29 -2.06
N GLY A 228 -0.45 2.35 -1.68
CA GLY A 228 -0.12 0.91 -1.65
C GLY A 228 0.22 0.33 -3.00
N ASN A 229 -0.18 1.00 -4.07
CA ASN A 229 0.10 0.56 -5.46
C ASN A 229 1.58 0.75 -5.80
N TYR A 230 2.28 1.63 -5.09
CA TYR A 230 3.64 2.15 -5.46
C TYR A 230 4.72 1.46 -4.61
N GLY A 231 4.42 1.13 -3.36
CA GLY A 231 5.42 0.56 -2.42
C GLY A 231 6.02 -0.73 -2.95
N SER A 232 5.27 -1.45 -3.79
CA SER A 232 5.59 -2.83 -4.25
C SER A 232 6.57 -2.80 -5.44
N SER A 233 6.73 -1.65 -6.11
CA SER A 233 7.39 -1.49 -7.43
C SER A 233 8.90 -1.25 -7.28
N LEU A 234 9.37 -0.79 -6.10
CA LEU A 234 10.77 -0.35 -5.86
C LEU A 234 11.77 -1.47 -6.19
N PHE A 235 11.52 -2.72 -5.77
CA PHE A 235 12.42 -3.90 -6.02
C PHE A 235 12.53 -4.12 -7.53
N ALA A 236 11.42 -4.05 -8.27
CA ALA A 236 11.42 -4.29 -9.76
C ALA A 236 12.28 -3.20 -10.45
N GLN A 237 12.21 -1.94 -10.01
CA GLN A 237 12.97 -0.81 -10.58
C GLN A 237 14.44 -0.95 -10.27
N CYS A 238 14.80 -1.30 -9.01
CA CYS A 238 16.18 -1.73 -8.61
C CYS A 238 16.71 -2.80 -9.59
N GLU A 239 15.91 -3.81 -9.91
CA GLU A 239 16.32 -4.90 -10.85
C GLU A 239 16.48 -4.33 -12.26
N ALA A 240 15.59 -3.43 -12.70
CA ALA A 240 15.65 -2.84 -14.06
C ALA A 240 17.01 -2.12 -14.20
N VAL A 241 17.39 -1.32 -13.21
CA VAL A 241 18.65 -0.51 -13.22
C VAL A 241 19.86 -1.47 -13.20
N ASP A 242 19.80 -2.55 -12.42
CA ASP A 242 20.89 -3.56 -12.36
C ASP A 242 21.12 -4.17 -13.74
N ASN A 243 20.11 -4.22 -14.61
CA ASN A 243 20.23 -4.83 -15.97
C ASN A 243 20.37 -3.74 -17.06
N GLY A 244 20.59 -2.48 -16.66
CA GLY A 244 20.89 -1.35 -17.58
C GLY A 244 19.65 -0.70 -18.20
N CYS A 245 18.45 -0.91 -17.64
CA CYS A 245 17.22 -0.23 -18.12
C CYS A 245 16.90 0.93 -17.19
N GLN A 246 16.06 1.85 -17.67
CA GLN A 246 15.70 3.10 -16.97
C GLN A 246 14.27 3.00 -16.43
N GLN A 247 13.45 2.08 -16.93
CA GLN A 247 12.07 1.87 -16.42
C GLN A 247 11.71 0.39 -16.55
N VAL A 248 10.63 0.02 -15.84
CA VAL A 248 9.93 -1.30 -15.91
C VAL A 248 8.80 -1.26 -16.96
N LEU A 249 8.71 -2.30 -17.80
CA LEU A 249 7.48 -2.51 -18.60
C LEU A 249 6.63 -3.54 -17.87
N TRP A 250 5.50 -3.07 -17.30
CA TRP A 250 4.47 -3.86 -16.58
C TRP A 250 3.67 -4.77 -17.53
N LEU A 251 3.91 -6.10 -17.42
CA LEU A 251 3.24 -7.19 -18.13
C LEU A 251 2.14 -7.83 -17.25
N TYR A 252 1.07 -8.26 -17.92
CA TYR A 252 -0.17 -8.81 -17.32
C TYR A 252 -0.73 -9.97 -18.15
N GLY A 253 -1.01 -11.07 -17.47
CA GLY A 253 -1.81 -12.21 -17.97
C GLY A 253 -0.94 -13.25 -18.67
N GLU A 254 -1.56 -14.36 -19.03
CA GLU A 254 -0.96 -15.49 -19.78
C GLU A 254 -0.49 -15.04 -21.19
N ASP A 255 -0.99 -13.91 -21.73
CA ASP A 255 -0.70 -13.48 -23.12
C ASP A 255 0.38 -12.37 -23.11
N HIS A 256 0.84 -11.97 -21.92
CA HIS A 256 1.83 -10.89 -21.73
C HIS A 256 1.34 -9.57 -22.37
N GLN A 257 0.18 -9.09 -21.95
CA GLN A 257 -0.31 -7.70 -22.30
C GLN A 257 0.67 -6.67 -21.72
N ILE A 258 1.07 -5.69 -22.53
CA ILE A 258 1.84 -4.46 -22.12
C ILE A 258 0.84 -3.39 -21.66
N THR A 259 1.02 -2.89 -20.43
CA THR A 259 0.01 -2.10 -19.68
C THR A 259 0.47 -0.66 -19.52
N GLU A 260 1.58 -0.49 -18.80
CA GLU A 260 2.17 0.80 -18.36
C GLU A 260 3.70 0.72 -18.40
N VAL A 261 4.36 1.87 -18.50
CA VAL A 261 5.84 2.05 -18.48
C VAL A 261 6.18 2.80 -17.19
N GLY A 262 6.64 2.08 -16.14
CA GLY A 262 6.91 2.69 -14.81
C GLY A 262 5.62 3.28 -14.23
N THR A 263 5.63 4.58 -13.91
CA THR A 263 4.45 5.40 -13.55
C THR A 263 4.05 6.33 -14.72
N MET A 264 4.16 5.86 -15.98
CA MET A 264 3.68 6.53 -17.23
C MET A 264 2.74 5.62 -18.01
N ASN A 265 1.73 6.17 -18.66
CA ASN A 265 0.78 5.40 -19.52
C ASN A 265 1.55 5.05 -20.79
N LEU A 266 1.10 4.03 -21.51
CA LEU A 266 1.81 3.43 -22.69
C LEU A 266 1.01 3.68 -23.99
N PHE A 267 1.69 4.18 -25.04
CA PHE A 267 1.15 4.45 -26.40
C PHE A 267 2.01 3.78 -27.49
N LEU A 268 1.34 3.27 -28.55
CA LEU A 268 1.95 2.63 -29.74
C LEU A 268 1.31 3.18 -31.04
N TYR A 269 2.14 3.76 -31.89
CA TYR A 269 1.83 4.34 -33.23
C TYR A 269 2.40 3.38 -34.29
N TRP A 270 1.53 2.83 -35.14
CA TRP A 270 1.82 1.63 -35.97
C TRP A 270 0.77 1.43 -37.08
N ILE A 271 1.09 0.57 -38.04
CA ILE A 271 0.12 -0.09 -38.95
C ILE A 271 -0.40 -1.32 -38.19
N ASN A 272 -1.70 -1.33 -37.88
CA ASN A 272 -2.40 -2.44 -37.19
C ASN A 272 -2.50 -3.66 -38.13
N GLU A 273 -3.14 -4.73 -37.63
CA GLU A 273 -3.39 -6.02 -38.32
C GLU A 273 -4.13 -5.82 -39.67
N ASP A 274 -4.99 -4.81 -39.80
CA ASP A 274 -5.90 -4.62 -40.98
C ASP A 274 -5.29 -3.66 -41.99
N GLY A 275 -4.01 -3.29 -41.87
CA GLY A 275 -3.28 -2.40 -42.80
C GLY A 275 -3.51 -0.90 -42.57
N GLU A 276 -4.16 -0.50 -41.46
CA GLU A 276 -4.57 0.91 -41.17
C GLU A 276 -3.59 1.55 -40.16
N GLU A 277 -3.15 2.76 -40.46
CA GLU A 277 -2.44 3.69 -39.56
C GLU A 277 -3.32 3.94 -38.32
N GLU A 278 -2.79 3.65 -37.12
CA GLU A 278 -3.55 3.58 -35.84
C GLU A 278 -2.67 4.10 -34.69
N LEU A 279 -3.26 4.91 -33.79
CA LEU A 279 -2.69 5.15 -32.44
C LEU A 279 -3.44 4.30 -31.41
N ALA A 280 -2.70 3.46 -30.67
CA ALA A 280 -3.23 2.47 -29.69
C ALA A 280 -2.67 2.67 -28.27
N THR A 281 -3.52 2.40 -27.29
CA THR A 281 -3.24 2.47 -25.82
C THR A 281 -4.20 1.49 -25.16
N PRO A 282 -3.79 0.83 -24.06
CA PRO A 282 -4.67 -0.07 -23.31
C PRO A 282 -5.95 0.55 -22.75
N PRO A 283 -7.04 -0.26 -22.67
CA PRO A 283 -8.33 0.22 -22.16
C PRO A 283 -8.36 0.40 -20.63
N LEU A 284 -9.35 1.13 -20.13
CA LEU A 284 -9.59 1.38 -18.69
C LEU A 284 -10.43 0.24 -18.13
N ASP A 285 -9.87 -0.98 -18.07
CA ASP A 285 -10.54 -2.21 -17.59
C ASP A 285 -10.12 -2.53 -16.14
N GLY A 286 -9.44 -1.61 -15.46
CA GLY A 286 -9.21 -1.68 -14.00
C GLY A 286 -7.75 -1.75 -13.55
N ILE A 287 -6.81 -2.10 -14.44
CA ILE A 287 -5.34 -2.22 -14.15
C ILE A 287 -4.55 -1.02 -14.71
N ILE A 288 -5.23 0.01 -15.24
CA ILE A 288 -4.57 1.22 -15.84
C ILE A 288 -4.96 2.47 -15.05
N LEU A 289 -4.00 3.30 -14.71
CA LEU A 289 -4.30 4.63 -14.14
C LEU A 289 -4.70 5.54 -15.28
N PRO A 290 -5.89 6.18 -15.19
CA PRO A 290 -6.30 7.12 -16.23
C PRO A 290 -5.53 8.44 -16.07
N GLY A 291 -4.40 8.54 -16.78
CA GLY A 291 -3.54 9.72 -16.88
C GLY A 291 -4.27 10.97 -17.42
N VAL A 292 -3.88 12.13 -16.91
CA VAL A 292 -4.34 13.46 -17.42
C VAL A 292 -3.73 13.64 -18.81
N THR A 293 -2.45 13.32 -18.96
CA THR A 293 -1.75 13.39 -20.28
C THR A 293 -2.41 12.38 -21.23
N ARG A 294 -2.73 11.17 -20.76
CA ARG A 294 -3.35 10.12 -21.61
C ARG A 294 -4.70 10.67 -22.14
N ARG A 295 -5.50 11.31 -21.25
CA ARG A 295 -6.77 12.02 -21.60
C ARG A 295 -6.48 13.09 -22.65
N CYS A 296 -5.45 13.90 -22.44
CA CYS A 296 -5.15 15.06 -23.31
C CYS A 296 -4.77 14.55 -24.68
N ILE A 297 -4.01 13.45 -24.75
CA ILE A 297 -3.44 12.92 -26.04
C ILE A 297 -4.54 12.29 -26.89
N LEU A 298 -5.46 11.53 -26.29
CA LEU A 298 -6.63 10.90 -27.00
C LEU A 298 -7.52 12.00 -27.57
N ASP A 299 -7.79 13.06 -26.79
CA ASP A 299 -8.63 14.22 -27.22
C ASP A 299 -7.99 14.89 -28.45
N LEU A 300 -6.67 15.15 -28.40
CA LEU A 300 -5.92 15.71 -29.56
C LEU A 300 -6.03 14.77 -30.77
N ALA A 301 -5.75 13.47 -30.61
CA ALA A 301 -5.78 12.48 -31.73
C ALA A 301 -7.19 12.39 -32.37
N HIS A 302 -8.25 12.37 -31.56
CA HIS A 302 -9.65 12.35 -32.03
C HIS A 302 -9.92 13.65 -32.80
N GLN A 303 -9.53 14.81 -32.27
CA GLN A 303 -9.75 16.12 -32.93
C GLN A 303 -9.07 16.15 -34.31
N TRP A 304 -7.80 15.73 -34.38
CA TRP A 304 -7.00 15.88 -35.64
C TRP A 304 -7.67 15.08 -36.76
N GLY A 305 -8.28 13.94 -36.40
CA GLY A 305 -9.01 13.04 -37.30
C GLY A 305 -8.16 12.58 -38.47
N GLU A 306 -6.86 12.37 -38.27
CA GLU A 306 -5.92 12.02 -39.37
C GLU A 306 -5.56 10.53 -39.36
N PHE A 307 -5.97 9.76 -38.36
CA PHE A 307 -5.72 8.28 -38.32
C PHE A 307 -6.64 7.64 -37.29
N LYS A 308 -6.76 6.32 -37.30
CA LYS A 308 -7.57 5.56 -36.31
C LYS A 308 -6.97 5.69 -34.89
N VAL A 309 -7.86 5.66 -33.88
CA VAL A 309 -7.59 5.79 -32.43
C VAL A 309 -8.31 4.65 -31.69
N SER A 310 -7.58 3.68 -31.15
CA SER A 310 -8.11 2.47 -30.47
C SER A 310 -7.60 2.38 -29.02
N GLU A 311 -8.54 2.23 -28.09
CA GLU A 311 -8.28 1.73 -26.72
C GLU A 311 -8.49 0.21 -26.81
N ARG A 312 -7.40 -0.54 -26.94
CA ARG A 312 -7.43 -2.01 -27.17
C ARG A 312 -6.24 -2.66 -26.45
N TYR A 313 -6.26 -3.99 -26.35
CA TYR A 313 -5.22 -4.87 -25.78
C TYR A 313 -4.07 -4.98 -26.79
N LEU A 314 -2.84 -4.85 -26.30
CA LEU A 314 -1.57 -5.08 -27.06
C LEU A 314 -0.68 -6.07 -26.29
N THR A 315 -0.24 -7.17 -26.92
CA THR A 315 0.69 -8.18 -26.32
C THR A 315 2.12 -8.07 -26.90
N MET A 316 3.10 -8.71 -26.25
CA MET A 316 4.50 -8.79 -26.75
C MET A 316 4.49 -9.48 -28.11
N ASP A 317 3.64 -10.48 -28.31
CA ASP A 317 3.47 -11.13 -29.62
C ASP A 317 2.98 -10.11 -30.68
N ASP A 318 1.98 -9.29 -30.33
CA ASP A 318 1.45 -8.27 -31.29
C ASP A 318 2.62 -7.41 -31.76
N LEU A 319 3.49 -7.02 -30.82
CA LEU A 319 4.61 -6.07 -31.05
C LEU A 319 5.68 -6.73 -31.92
N THR A 320 6.15 -7.95 -31.57
CA THR A 320 7.25 -8.65 -32.31
C THR A 320 6.76 -9.09 -33.70
N THR A 321 5.51 -9.55 -33.84
CA THR A 321 4.90 -9.75 -35.19
C THR A 321 4.95 -8.43 -35.98
N ALA A 322 4.65 -7.26 -35.38
CA ALA A 322 4.63 -5.96 -36.08
C ALA A 322 6.06 -5.54 -36.51
N LEU A 323 7.04 -5.63 -35.61
CA LEU A 323 8.47 -5.29 -35.88
C LEU A 323 9.01 -6.15 -37.04
N GLU A 324 8.66 -7.44 -37.10
CA GLU A 324 9.12 -8.33 -38.20
C GLU A 324 8.60 -7.78 -39.53
N GLY A 325 7.40 -7.18 -39.56
CA GLY A 325 6.74 -6.65 -40.77
C GLY A 325 6.92 -5.14 -40.99
N ASN A 326 7.82 -4.48 -40.24
CA ASN A 326 8.19 -3.06 -40.47
C ASN A 326 6.98 -2.14 -40.23
N ARG A 327 6.03 -2.58 -39.41
CA ARG A 327 4.71 -1.93 -39.20
C ARG A 327 4.75 -0.93 -38.02
N VAL A 328 5.78 -0.94 -37.15
CA VAL A 328 5.90 -0.02 -35.97
C VAL A 328 6.58 1.28 -36.36
N ARG A 329 6.02 2.42 -35.92
CA ARG A 329 6.60 3.78 -36.12
C ARG A 329 7.22 4.27 -34.81
N GLU A 330 6.44 4.32 -33.73
CA GLU A 330 6.82 5.07 -32.51
C GLU A 330 6.24 4.35 -31.31
N MET A 331 7.00 4.26 -30.19
CA MET A 331 6.45 3.88 -28.86
C MET A 331 6.92 4.92 -27.84
N PHE A 332 6.03 5.39 -26.96
CA PHE A 332 6.36 6.42 -25.94
C PHE A 332 5.47 6.28 -24.69
N GLY A 333 6.04 6.67 -23.54
CA GLY A 333 5.33 6.84 -22.27
C GLY A 333 4.68 8.21 -22.22
N SER A 334 3.66 8.39 -21.39
CA SER A 334 3.02 9.73 -21.16
C SER A 334 2.82 9.99 -19.65
N GLY A 335 3.11 11.16 -19.15
CA GLY A 335 2.58 11.60 -17.83
C GLY A 335 2.90 13.04 -17.50
N THR A 336 2.63 13.47 -16.25
CA THR A 336 2.98 14.83 -15.79
C THR A 336 4.50 14.98 -15.81
N ALA A 337 5.20 13.88 -15.57
CA ALA A 337 6.68 13.85 -15.41
C ALA A 337 7.36 14.35 -16.68
N CYS A 338 7.11 13.65 -17.78
CA CYS A 338 7.80 13.74 -19.09
C CYS A 338 7.00 14.56 -20.12
N VAL A 339 5.66 14.54 -20.04
CA VAL A 339 4.70 14.88 -21.13
C VAL A 339 4.73 13.72 -22.13
N VAL A 340 5.85 13.55 -22.85
CA VAL A 340 6.08 12.36 -23.73
C VAL A 340 7.52 11.84 -23.60
N CYS A 341 7.69 10.52 -23.50
CA CYS A 341 8.99 9.84 -23.21
C CYS A 341 9.21 8.67 -24.16
N PRO A 342 9.94 8.88 -25.28
CA PRO A 342 10.09 7.85 -26.32
C PRO A 342 10.91 6.63 -25.87
N VAL A 343 10.57 5.47 -26.44
CA VAL A 343 11.17 4.15 -26.10
C VAL A 343 11.97 3.65 -27.30
N SER A 344 13.24 3.24 -27.09
CA SER A 344 14.18 2.75 -28.13
C SER A 344 14.41 1.23 -28.07
N ASP A 345 14.25 0.59 -26.89
CA ASP A 345 14.47 -0.88 -26.74
C ASP A 345 13.69 -1.50 -25.57
N ILE A 346 13.51 -2.83 -25.61
CA ILE A 346 12.87 -3.68 -24.56
C ILE A 346 13.70 -4.96 -24.39
N LEU A 347 14.08 -5.29 -23.15
CA LEU A 347 14.78 -6.54 -22.77
C LEU A 347 13.71 -7.53 -22.28
N TYR A 348 13.64 -8.70 -22.91
CA TYR A 348 12.54 -9.70 -22.77
C TYR A 348 13.10 -11.10 -23.13
N LYS A 349 12.92 -12.10 -22.27
CA LYS A 349 13.37 -13.50 -22.46
C LYS A 349 14.82 -13.54 -22.93
N GLY A 350 15.68 -12.65 -22.41
CA GLY A 350 17.15 -12.69 -22.58
C GLY A 350 17.64 -11.97 -23.83
N GLU A 351 16.76 -11.42 -24.68
CA GLU A 351 17.18 -10.68 -25.91
C GLU A 351 16.77 -9.21 -25.80
N THR A 352 17.53 -8.30 -26.43
CA THR A 352 17.20 -6.87 -26.59
C THR A 352 16.42 -6.67 -27.89
N ILE A 353 15.22 -6.13 -27.80
CA ILE A 353 14.29 -5.88 -28.94
C ILE A 353 14.30 -4.36 -29.20
N HIS A 354 14.71 -3.95 -30.41
CA HIS A 354 14.80 -2.53 -30.82
C HIS A 354 13.45 -2.07 -31.40
N ILE A 355 13.04 -0.87 -31.00
CA ILE A 355 11.81 -0.15 -31.46
C ILE A 355 12.26 1.09 -32.22
N PRO A 356 11.88 1.24 -33.51
CA PRO A 356 12.42 2.32 -34.34
C PRO A 356 11.83 3.74 -34.13
N THR A 357 11.48 4.08 -32.90
CA THR A 357 10.92 5.41 -32.52
C THR A 357 11.75 6.57 -33.09
N MET A 358 13.08 6.57 -32.86
CA MET A 358 13.99 7.69 -33.17
C MET A 358 14.39 7.72 -34.66
N GLU A 359 14.12 6.68 -35.45
CA GLU A 359 14.33 6.66 -36.93
C GLU A 359 13.07 7.13 -37.66
N ASN A 360 11.96 7.33 -36.95
CA ASN A 360 10.66 7.80 -37.51
C ASN A 360 10.39 9.23 -36.97
N GLY A 361 11.43 10.02 -36.62
CA GLY A 361 11.31 11.44 -36.22
C GLY A 361 11.88 11.74 -34.82
N PRO A 362 11.14 11.51 -33.70
CA PRO A 362 9.77 11.00 -33.74
C PRO A 362 8.68 12.08 -34.00
N LYS A 363 8.07 12.01 -35.20
CA LYS A 363 7.09 12.98 -35.75
C LYS A 363 5.91 13.21 -34.80
N LEU A 364 5.15 12.15 -34.45
CA LEU A 364 3.96 12.26 -33.56
C LEU A 364 4.42 12.70 -32.16
N ALA A 365 5.42 12.04 -31.56
CA ALA A 365 5.89 12.41 -30.21
C ALA A 365 6.27 13.91 -30.17
N SER A 366 6.99 14.43 -31.16
CA SER A 366 7.39 15.88 -31.24
C SER A 366 6.16 16.80 -31.29
N ARG A 367 5.18 16.47 -32.16
CA ARG A 367 3.95 17.27 -32.38
C ARG A 367 3.15 17.37 -31.08
N ILE A 368 3.06 16.27 -30.36
CA ILE A 368 2.36 16.22 -29.05
C ILE A 368 3.10 17.12 -28.06
N LEU A 369 4.44 16.97 -27.95
CA LEU A 369 5.23 17.67 -26.91
C LEU A 369 5.04 19.18 -27.12
N SER A 370 5.04 19.61 -28.38
CA SER A 370 5.12 21.04 -28.74
C SER A 370 3.75 21.70 -28.50
N LYS A 371 2.66 21.03 -28.88
CA LYS A 371 1.26 21.44 -28.56
C LYS A 371 1.06 21.63 -27.04
N LEU A 372 1.31 20.58 -26.25
CA LEU A 372 1.01 20.61 -24.79
C LEU A 372 1.92 21.64 -24.08
N THR A 373 3.16 21.82 -24.52
CA THR A 373 4.09 22.78 -23.85
C THR A 373 3.65 24.21 -24.21
N ASP A 374 3.19 24.40 -25.46
CA ASP A 374 2.71 25.70 -25.99
C ASP A 374 1.50 26.11 -25.15
N ILE A 375 0.65 25.16 -24.76
CA ILE A 375 -0.55 25.46 -23.92
C ILE A 375 -0.11 25.74 -22.47
N GLN A 376 0.74 24.91 -21.91
CA GLN A 376 1.26 25.08 -20.52
C GLN A 376 1.94 26.45 -20.31
N TYR A 377 2.71 26.95 -21.29
CA TYR A 377 3.56 28.17 -21.19
C TYR A 377 2.90 29.39 -21.86
N GLY A 378 1.63 29.27 -22.23
CA GLY A 378 0.79 30.38 -22.70
C GLY A 378 1.13 30.88 -24.09
N ARG A 379 1.79 30.07 -24.92
CA ARG A 379 2.15 30.48 -26.32
C ARG A 379 0.93 30.36 -27.26
N GLU A 380 -0.19 29.80 -26.78
CA GLU A 380 -1.53 29.83 -27.44
C GLU A 380 -2.59 29.68 -26.35
N GLU A 381 -3.78 30.25 -26.56
CA GLU A 381 -4.92 30.20 -25.60
C GLU A 381 -5.52 28.79 -25.64
N ARG A 382 -6.13 28.35 -24.53
CA ARG A 382 -6.81 27.04 -24.43
C ARG A 382 -7.83 27.05 -23.29
N ASP A 383 -8.91 26.30 -23.49
CA ASP A 383 -9.87 25.78 -22.47
C ASP A 383 -9.14 25.11 -21.30
N TRP A 384 -7.98 24.47 -21.53
CA TRP A 384 -7.31 23.54 -20.57
C TRP A 384 -6.49 24.28 -19.52
N THR A 385 -6.38 25.60 -19.58
CA THR A 385 -5.52 26.37 -18.63
C THR A 385 -6.34 27.42 -17.87
N ILE A 386 -5.84 27.75 -16.68
CA ILE A 386 -6.41 28.70 -15.68
C ILE A 386 -5.28 29.64 -15.24
N VAL A 387 -5.41 30.95 -15.54
CA VAL A 387 -4.48 31.99 -15.01
C VAL A 387 -4.81 32.18 -13.54
N LEU A 388 -3.79 32.21 -12.68
CA LEU A 388 -3.92 32.44 -11.21
C LEU A 388 -4.50 33.82 -10.90
N SER A 389 -5.64 33.83 -10.20
CA SER A 389 -6.20 35.02 -9.50
C SER A 389 -5.66 35.07 -8.07
N GLY B 26 25.74 -0.49 10.02
CA GLY B 26 25.83 -1.97 9.81
C GLY B 26 24.61 -2.68 10.39
N THR B 27 24.60 -2.93 11.70
CA THR B 27 23.41 -3.30 12.50
C THR B 27 23.50 -2.63 13.86
N PHE B 28 22.33 -2.21 14.39
CA PHE B 28 22.22 -1.84 15.82
C PHE B 28 22.51 -3.07 16.68
N LYS B 29 22.82 -2.83 17.95
CA LYS B 29 23.15 -3.89 18.93
C LYS B 29 22.32 -3.65 20.19
N ALA B 30 21.68 -4.71 20.70
CA ALA B 30 20.94 -4.67 21.97
C ALA B 30 21.86 -4.18 23.10
N LYS B 31 23.16 -4.40 23.02
CA LYS B 31 24.05 -4.04 24.16
C LYS B 31 24.34 -2.53 24.13
N ASP B 32 23.91 -1.82 23.08
CA ASP B 32 24.17 -0.36 22.96
C ASP B 32 22.90 0.42 23.39
N LEU B 33 21.81 -0.29 23.74
CA LEU B 33 20.53 0.29 24.22
C LEU B 33 20.77 1.46 25.20
N ILE B 34 20.13 2.59 24.91
CA ILE B 34 19.95 3.76 25.82
C ILE B 34 18.51 3.80 26.32
N VAL B 35 18.35 3.73 27.64
CA VAL B 35 17.02 3.57 28.33
C VAL B 35 16.71 4.88 29.07
N THR B 36 15.62 5.54 28.70
CA THR B 36 15.14 6.84 29.26
C THR B 36 13.75 6.58 29.85
N PRO B 37 13.64 6.21 31.15
CA PRO B 37 12.35 5.86 31.74
C PRO B 37 11.35 7.03 31.81
N ALA B 38 10.03 6.76 31.75
CA ALA B 38 8.98 7.76 32.03
C ALA B 38 8.94 8.08 33.52
N THR B 39 8.61 9.32 33.89
CA THR B 39 8.55 9.89 35.28
C THR B 39 7.20 9.56 35.96
N ILE B 40 6.10 9.54 35.20
CA ILE B 40 4.71 9.24 35.68
C ILE B 40 4.21 8.04 34.87
N LEU B 41 3.65 7.02 35.53
CA LEU B 41 3.09 5.82 34.83
C LEU B 41 1.56 5.96 34.75
N LYS B 42 0.96 5.43 33.68
CA LYS B 42 -0.50 5.48 33.45
C LYS B 42 -1.14 4.30 34.16
N GLU B 43 -2.40 4.42 34.57
CA GLU B 43 -3.17 3.31 35.21
C GLU B 43 -3.56 2.28 34.14
N LYS B 44 -3.40 1.00 34.47
CA LYS B 44 -3.69 -0.14 33.57
C LYS B 44 -5.20 -0.24 33.38
N PRO B 45 -5.71 -0.46 32.16
CA PRO B 45 -7.16 -0.54 31.92
C PRO B 45 -7.71 -1.86 32.48
N ASP B 46 -9.03 -2.00 32.62
CA ASP B 46 -9.66 -3.26 33.10
C ASP B 46 -9.58 -4.29 31.98
N PRO B 47 -9.08 -5.53 32.26
CA PRO B 47 -8.84 -6.52 31.20
C PRO B 47 -10.10 -7.02 30.47
N ASN B 48 -11.29 -6.92 31.08
CA ASN B 48 -12.53 -7.47 30.47
C ASN B 48 -13.36 -6.34 29.83
N ASN B 49 -12.75 -5.17 29.55
CA ASN B 49 -13.35 -4.07 28.75
C ASN B 49 -12.33 -3.47 27.74
N LEU B 50 -11.35 -4.26 27.27
CA LEU B 50 -10.28 -3.84 26.32
C LEU B 50 -10.82 -3.92 24.89
N VAL B 51 -10.56 -2.86 24.11
CA VAL B 51 -10.79 -2.79 22.65
C VAL B 51 -9.43 -2.86 21.99
N PHE B 52 -9.28 -3.76 21.04
CA PHE B 52 -7.97 -4.15 20.46
C PHE B 52 -7.28 -2.91 19.89
N GLY B 53 -6.04 -2.68 20.31
CA GLY B 53 -5.10 -1.71 19.73
C GLY B 53 -5.46 -0.26 20.01
N THR B 54 -6.21 0.05 21.07
CA THR B 54 -6.57 1.47 21.40
C THR B 54 -5.83 1.98 22.65
N VAL B 55 -5.36 1.09 23.50
CA VAL B 55 -4.57 1.46 24.72
C VAL B 55 -3.12 1.03 24.48
N PHE B 56 -2.20 1.88 24.90
CA PHE B 56 -0.74 1.72 24.70
C PHE B 56 -0.03 1.86 26.06
N THR B 57 1.13 1.22 26.19
CA THR B 57 1.94 1.16 27.45
C THR B 57 2.75 2.45 27.63
N ASP B 58 3.56 2.50 28.68
CA ASP B 58 4.36 3.69 29.12
C ASP B 58 5.53 3.95 28.14
N HIS B 59 6.13 2.88 27.57
CA HIS B 59 7.35 2.97 26.72
C HIS B 59 7.20 2.32 25.33
N MET B 60 8.06 2.73 24.38
CA MET B 60 8.20 2.28 22.98
C MET B 60 9.70 2.09 22.67
N LEU B 61 10.06 1.35 21.61
CA LEU B 61 11.48 1.29 21.13
C LEU B 61 11.62 2.07 19.83
N THR B 62 12.70 2.85 19.66
CA THR B 62 13.01 3.54 18.38
C THR B 62 14.44 3.23 17.97
N VAL B 63 14.64 3.01 16.66
CA VAL B 63 15.99 2.92 16.05
C VAL B 63 15.97 3.65 14.71
N GLU B 64 16.83 4.67 14.54
CA GLU B 64 17.00 5.47 13.29
C GLU B 64 18.09 4.88 12.39
N TRP B 65 17.89 4.99 11.08
CA TRP B 65 18.87 4.60 10.04
C TRP B 65 19.04 5.74 9.04
N SER B 66 20.24 5.83 8.47
CA SER B 66 20.56 6.61 7.24
C SER B 66 21.56 5.84 6.37
N SER B 67 21.57 6.09 5.07
CA SER B 67 22.56 5.49 4.13
C SER B 67 23.94 6.10 4.41
N GLU B 68 23.97 7.38 4.84
CA GLU B 68 25.23 8.13 5.11
CA GLU B 68 25.22 8.15 5.13
C GLU B 68 25.95 7.56 6.36
N PHE B 69 25.21 7.30 7.46
CA PHE B 69 25.85 6.91 8.75
C PHE B 69 25.38 5.55 9.28
N GLY B 70 24.60 4.78 8.54
CA GLY B 70 24.14 3.43 8.96
C GLY B 70 23.13 3.47 10.11
N TRP B 71 23.09 2.43 10.95
CA TRP B 71 22.14 2.30 12.09
C TRP B 71 22.68 3.10 13.28
N GLU B 72 21.90 4.05 13.81
CA GLU B 72 22.12 4.72 15.12
C GLU B 72 21.90 3.69 16.24
N LYS B 73 22.13 4.08 17.47
CA LYS B 73 21.92 3.18 18.64
C LYS B 73 20.45 3.18 19.03
N PRO B 74 19.86 2.02 19.39
CA PRO B 74 18.45 1.96 19.77
C PRO B 74 18.12 2.68 21.07
N HIS B 75 16.87 3.13 21.20
CA HIS B 75 16.35 3.82 22.41
C HIS B 75 15.10 3.14 22.95
N ILE B 76 15.00 3.08 24.28
CA ILE B 76 13.75 2.73 25.02
C ILE B 76 13.35 3.98 25.80
N LYS B 77 12.22 4.60 25.40
CA LYS B 77 11.79 5.93 25.91
C LYS B 77 10.28 5.99 25.99
N PRO B 78 9.71 7.01 26.68
CA PRO B 78 8.26 7.14 26.82
C PRO B 78 7.56 7.14 25.46
N LEU B 79 6.36 6.54 25.38
CA LEU B 79 5.56 6.70 24.15
C LEU B 79 5.48 8.20 23.85
N GLN B 80 5.62 8.58 22.59
CA GLN B 80 5.51 10.00 22.14
C GLN B 80 5.09 9.96 20.65
N ASN B 81 4.64 11.10 20.12
CA ASN B 81 4.35 11.23 18.66
C ASN B 81 5.68 11.19 17.93
N LEU B 82 5.67 10.74 16.67
CA LEU B 82 6.82 10.79 15.75
C LEU B 82 6.78 12.14 15.04
N SER B 83 7.97 12.71 14.84
CA SER B 83 8.26 13.96 14.09
C SER B 83 8.66 13.59 12.66
N LEU B 84 7.75 13.69 11.69
CA LEU B 84 8.04 13.24 10.30
C LEU B 84 8.04 14.42 9.35
N HIS B 85 8.98 14.46 8.41
CA HIS B 85 8.95 15.37 7.26
C HIS B 85 7.72 15.03 6.44
N PRO B 86 6.87 15.99 6.03
CA PRO B 86 5.67 15.68 5.24
C PRO B 86 5.97 14.90 3.95
N GLY B 87 7.22 14.97 3.49
CA GLY B 87 7.71 14.30 2.27
C GLY B 87 8.03 12.82 2.50
N SER B 88 7.81 12.29 3.71
CA SER B 88 8.30 10.95 4.11
C SER B 88 7.68 9.89 3.19
N SER B 89 8.48 9.00 2.59
CA SER B 89 8.02 8.09 1.50
C SER B 89 6.97 7.09 2.02
N ALA B 90 6.93 6.80 3.32
CA ALA B 90 5.82 6.02 3.94
C ALA B 90 4.42 6.66 3.74
N LEU B 91 4.32 7.99 3.72
CA LEU B 91 2.99 8.65 3.67
C LEU B 91 2.53 8.79 2.21
N HIS B 92 3.46 8.66 1.24
CA HIS B 92 3.23 8.87 -0.21
C HIS B 92 3.10 7.55 -0.99
N TYR B 93 4.03 6.59 -0.83
CA TYR B 93 4.17 5.37 -1.67
C TYR B 93 4.17 4.08 -0.81
N ALA B 94 3.55 4.13 0.37
CA ALA B 94 3.36 2.96 1.26
C ALA B 94 4.69 2.21 1.50
N VAL B 95 5.77 2.95 1.74
CA VAL B 95 7.08 2.33 2.03
C VAL B 95 7.10 2.00 3.53
N GLU B 96 6.62 0.79 3.86
CA GLU B 96 6.20 0.43 5.24
C GLU B 96 5.84 -1.05 5.32
N LEU B 97 6.10 -1.65 6.48
CA LEU B 97 5.72 -3.04 6.83
C LEU B 97 5.59 -3.12 8.36
N PHE B 98 4.97 -4.22 8.84
CA PHE B 98 4.70 -4.49 10.28
C PHE B 98 4.74 -5.98 10.59
N GLU B 99 4.76 -6.29 11.89
CA GLU B 99 4.57 -7.63 12.47
C GLU B 99 3.56 -7.54 13.61
N GLY B 100 3.12 -8.72 14.06
CA GLY B 100 2.15 -8.97 15.17
C GLY B 100 2.48 -10.25 15.93
N LEU B 101 2.87 -10.13 17.21
CA LEU B 101 3.03 -11.29 18.14
C LEU B 101 2.68 -10.91 19.57
N LYS B 102 2.48 -11.92 20.44
CA LYS B 102 1.99 -11.75 21.81
C LYS B 102 3.03 -12.23 22.83
N ALA B 103 2.87 -11.69 24.04
CA ALA B 103 3.42 -12.16 25.33
C ALA B 103 2.28 -12.62 26.25
N PHE B 104 2.46 -13.78 26.89
CA PHE B 104 1.47 -14.51 27.72
C PHE B 104 2.05 -14.63 29.14
N ARG B 105 1.28 -14.13 30.13
CA ARG B 105 1.45 -14.39 31.58
C ARG B 105 0.89 -15.78 31.88
N GLY B 106 1.78 -16.72 32.21
CA GLY B 106 1.44 -18.14 32.45
C GLY B 106 0.77 -18.36 33.78
N VAL B 107 0.36 -19.60 34.03
CA VAL B 107 -0.32 -20.08 35.26
C VAL B 107 0.70 -20.17 36.40
N ASP B 108 2.00 -20.19 36.06
CA ASP B 108 3.12 -20.11 37.04
C ASP B 108 3.60 -18.65 37.18
N ASN B 109 2.90 -17.70 36.56
CA ASN B 109 3.20 -16.24 36.61
C ASN B 109 4.53 -15.90 35.92
N LYS B 110 4.97 -16.72 34.97
CA LYS B 110 6.13 -16.44 34.08
C LYS B 110 5.63 -15.97 32.72
N ILE B 111 6.24 -14.91 32.18
CA ILE B 111 5.83 -14.27 30.91
C ILE B 111 6.58 -14.98 29.80
N ARG B 112 5.89 -15.35 28.71
CA ARG B 112 6.47 -16.19 27.63
C ARG B 112 6.14 -15.58 26.29
N LEU B 113 7.07 -15.79 25.36
CA LEU B 113 6.88 -15.56 23.92
C LEU B 113 6.65 -16.91 23.23
N PHE B 114 5.97 -16.82 22.10
CA PHE B 114 5.47 -17.95 21.28
C PHE B 114 6.06 -17.78 19.86
N GLN B 115 7.01 -18.65 19.48
CA GLN B 115 7.61 -18.73 18.11
C GLN B 115 8.06 -17.36 17.61
N PRO B 116 8.77 -16.54 18.41
CA PRO B 116 9.03 -15.14 18.03
C PRO B 116 10.09 -15.07 16.92
N ASN B 117 10.96 -16.10 16.83
CA ASN B 117 11.98 -16.22 15.77
C ASN B 117 11.29 -16.30 14.39
N LEU B 118 10.14 -16.98 14.25
CA LEU B 118 9.39 -17.07 12.96
C LEU B 118 8.92 -15.67 12.55
N ASN B 119 8.57 -14.80 13.52
CA ASN B 119 8.15 -13.41 13.25
C ASN B 119 9.33 -12.59 12.74
N MET B 120 10.51 -12.74 13.35
CA MET B 120 11.74 -11.97 13.01
C MET B 120 12.12 -12.34 11.56
N ASP B 121 12.12 -13.63 11.21
CA ASP B 121 12.45 -14.21 9.86
C ASP B 121 11.56 -13.57 8.78
N ARG B 122 10.26 -13.45 9.07
CA ARG B 122 9.25 -12.94 8.14
C ARG B 122 9.40 -11.43 7.98
N MET B 123 9.85 -10.75 9.04
CA MET B 123 10.05 -9.27 9.02
C MET B 123 11.25 -8.94 8.13
N TYR B 124 12.28 -9.76 8.21
CA TYR B 124 13.54 -9.60 7.42
C TYR B 124 13.19 -9.83 5.94
N ARG B 125 12.56 -10.96 5.59
CA ARG B 125 12.13 -11.22 4.19
CA ARG B 125 12.07 -11.25 4.21
C ARG B 125 11.29 -10.03 3.68
N SER B 126 10.35 -9.52 4.44
CA SER B 126 9.46 -8.41 3.97
C SER B 126 10.31 -7.12 3.75
N ALA B 127 11.27 -6.81 4.61
CA ALA B 127 12.18 -5.63 4.48
C ALA B 127 12.95 -5.63 3.14
N VAL B 128 13.53 -6.78 2.78
CA VAL B 128 14.23 -7.00 1.48
C VAL B 128 13.24 -6.70 0.34
N ARG B 129 12.06 -7.31 0.34
CA ARG B 129 11.11 -7.08 -0.77
C ARG B 129 10.63 -5.58 -0.77
N ALA B 130 10.68 -4.83 0.33
CA ALA B 130 10.28 -3.39 0.39
C ALA B 130 11.46 -2.46 0.10
N THR B 131 12.69 -2.96 0.07
CA THR B 131 13.96 -2.22 -0.08
C THR B 131 14.25 -1.34 1.16
N LEU B 132 13.66 -1.69 2.32
CA LEU B 132 14.08 -1.16 3.65
C LEU B 132 15.38 -1.85 4.10
N PRO B 133 16.23 -1.15 4.89
CA PRO B 133 17.54 -1.68 5.28
C PRO B 133 17.50 -2.95 6.14
N VAL B 134 18.40 -3.91 5.92
CA VAL B 134 18.42 -5.17 6.73
C VAL B 134 18.98 -4.85 8.13
N PHE B 135 18.72 -5.76 9.08
CA PHE B 135 19.05 -5.64 10.51
C PHE B 135 19.32 -7.03 11.05
N ASP B 136 20.01 -7.11 12.19
CA ASP B 136 20.32 -8.39 12.86
C ASP B 136 19.07 -8.83 13.61
N LYS B 137 18.52 -10.01 13.27
CA LYS B 137 17.23 -10.55 13.80
C LYS B 137 17.37 -10.89 15.29
N GLU B 138 18.55 -11.34 15.69
CA GLU B 138 18.84 -11.69 17.09
C GLU B 138 18.92 -10.41 17.92
N GLU B 139 19.43 -9.33 17.36
CA GLU B 139 19.56 -8.04 18.10
C GLU B 139 18.16 -7.36 18.24
N LEU B 140 17.25 -7.51 17.26
CA LEU B 140 15.89 -6.90 17.37
C LEU B 140 15.17 -7.63 18.50
N LEU B 141 15.14 -8.98 18.45
CA LEU B 141 14.35 -9.78 19.41
C LEU B 141 14.79 -9.43 20.85
N GLU B 142 16.12 -9.37 21.10
CA GLU B 142 16.66 -9.05 22.46
C GLU B 142 16.23 -7.63 22.84
N CYS B 143 16.29 -6.65 21.93
CA CYS B 143 15.78 -5.27 22.20
C CYS B 143 14.31 -5.36 22.62
N ILE B 144 13.51 -6.13 21.88
CA ILE B 144 12.05 -6.30 22.12
C ILE B 144 11.84 -6.92 23.49
N GLN B 145 12.55 -8.01 23.79
CA GLN B 145 12.55 -8.62 25.16
C GLN B 145 12.82 -7.58 26.25
N GLN B 146 13.76 -6.64 26.07
CA GLN B 146 14.07 -5.64 27.13
C GLN B 146 12.91 -4.64 27.25
N LEU B 147 12.20 -4.37 26.12
CA LEU B 147 11.04 -3.44 26.12
C LEU B 147 9.88 -4.06 26.93
N VAL B 148 9.61 -5.35 26.76
CA VAL B 148 8.54 -6.06 27.52
C VAL B 148 8.96 -6.21 28.99
N LYS B 149 10.22 -6.57 29.26
CA LYS B 149 10.76 -6.70 30.66
C LYS B 149 10.52 -5.37 31.42
N LEU B 150 10.88 -4.21 30.87
CA LEU B 150 10.65 -2.89 31.54
C LEU B 150 9.16 -2.65 31.80
N ASP B 151 8.29 -2.97 30.83
CA ASP B 151 6.82 -2.72 30.87
C ASP B 151 6.05 -4.01 31.21
N GLN B 152 6.65 -4.93 31.95
CA GLN B 152 6.12 -6.30 32.17
C GLN B 152 4.77 -6.34 32.91
N GLU B 153 4.39 -5.31 33.68
CA GLU B 153 3.10 -5.31 34.44
C GLU B 153 1.92 -5.04 33.49
N TRP B 154 2.18 -4.59 32.27
CA TRP B 154 1.13 -4.38 31.24
C TRP B 154 0.69 -5.73 30.66
N VAL B 155 1.48 -6.80 30.86
CA VAL B 155 1.06 -8.19 30.53
C VAL B 155 -0.03 -8.60 31.52
N PRO B 156 -1.30 -8.78 31.06
CA PRO B 156 -2.42 -8.96 31.99
C PRO B 156 -2.38 -10.19 32.92
N TYR B 157 -2.99 -10.04 34.11
CA TYR B 157 -3.20 -11.09 35.14
C TYR B 157 -4.56 -11.73 34.85
N SER B 158 -4.63 -12.40 33.71
CA SER B 158 -5.79 -13.16 33.19
C SER B 158 -5.28 -14.16 32.15
N THR B 159 -5.73 -15.40 32.20
CA THR B 159 -5.32 -16.45 31.24
C THR B 159 -6.25 -16.46 30.02
N SER B 160 -7.07 -15.42 29.85
CA SER B 160 -7.83 -15.16 28.59
C SER B 160 -7.41 -13.83 27.93
N ALA B 161 -6.36 -13.16 28.47
CA ALA B 161 -5.84 -11.88 27.97
C ALA B 161 -4.34 -12.01 27.65
N SER B 162 -3.75 -11.01 26.99
CA SER B 162 -2.34 -11.00 26.52
C SER B 162 -1.87 -9.57 26.23
N LEU B 163 -0.59 -9.39 25.94
CA LEU B 163 0.00 -8.11 25.47
C LEU B 163 0.39 -8.25 24.01
N TYR B 164 -0.18 -7.43 23.10
CA TYR B 164 0.21 -7.42 21.68
C TYR B 164 1.50 -6.64 21.53
N ILE B 165 2.41 -7.18 20.73
CA ILE B 165 3.70 -6.55 20.30
C ILE B 165 3.64 -6.19 18.81
N ARG B 166 3.91 -4.92 18.48
CA ARG B 166 3.76 -4.33 17.12
C ARG B 166 5.09 -3.70 16.68
N PRO B 167 6.02 -4.50 16.12
CA PRO B 167 7.12 -3.97 15.32
C PRO B 167 6.60 -3.29 14.06
N THR B 168 7.18 -2.14 13.71
CA THR B 168 6.80 -1.29 12.56
C THR B 168 8.06 -0.71 11.94
N PHE B 169 8.16 -0.67 10.60
CA PHE B 169 9.35 -0.23 9.82
C PHE B 169 8.87 0.67 8.67
N ILE B 170 9.34 1.93 8.60
CA ILE B 170 8.80 2.97 7.67
C ILE B 170 9.92 3.76 7.00
N GLY B 171 9.75 4.06 5.71
CA GLY B 171 10.58 5.07 5.01
C GLY B 171 10.28 6.52 5.44
N THR B 172 11.34 7.28 5.73
CA THR B 172 11.31 8.64 6.29
C THR B 172 12.17 9.58 5.42
N GLU B 173 12.55 9.12 4.23
CA GLU B 173 13.24 9.87 3.14
C GLU B 173 12.47 11.15 2.84
N PRO B 174 13.01 12.36 3.07
CA PRO B 174 12.27 13.59 2.79
C PRO B 174 12.27 13.99 1.31
N SER B 175 11.81 13.14 0.40
CA SER B 175 11.75 13.46 -1.05
C SER B 175 10.62 12.66 -1.73
N LEU B 176 10.11 13.18 -2.85
CA LEU B 176 8.91 12.68 -3.57
C LEU B 176 9.33 11.73 -4.67
N GLY B 177 10.62 11.61 -4.96
CA GLY B 177 11.07 10.67 -6.00
C GLY B 177 10.71 9.25 -5.60
N VAL B 178 10.15 8.46 -6.52
CA VAL B 178 9.82 7.03 -6.24
C VAL B 178 11.13 6.22 -6.29
N LYS B 179 11.71 5.86 -5.15
CA LYS B 179 12.98 5.06 -5.13
C LYS B 179 13.30 4.42 -3.75
N LYS B 180 14.37 3.65 -3.70
CA LYS B 180 14.85 2.99 -2.46
C LYS B 180 15.23 4.09 -1.45
N PRO B 181 14.69 4.07 -0.22
CA PRO B 181 14.89 5.18 0.71
C PRO B 181 16.32 5.21 1.30
N THR B 182 16.81 6.43 1.54
CA THR B 182 18.10 6.77 2.20
C THR B 182 17.88 7.08 3.68
N LYS B 183 16.64 6.98 4.19
CA LYS B 183 16.30 7.24 5.61
C LYS B 183 15.11 6.36 6.01
N ALA B 184 15.06 5.99 7.29
CA ALA B 184 14.06 5.02 7.81
C ALA B 184 14.07 4.99 9.33
N LEU B 185 12.92 4.67 9.91
CA LEU B 185 12.74 4.45 11.36
C LEU B 185 12.17 3.04 11.54
N LEU B 186 12.67 2.35 12.57
CA LEU B 186 12.12 1.07 13.08
C LEU B 186 11.67 1.34 14.51
N PHE B 187 10.43 1.00 14.82
CA PHE B 187 9.87 1.27 16.19
C PHE B 187 8.97 0.11 16.63
N VAL B 188 8.81 -0.04 17.94
CA VAL B 188 7.93 -1.10 18.48
C VAL B 188 6.94 -0.49 19.45
N LEU B 189 5.62 -0.79 19.26
CA LEU B 189 4.53 -0.48 20.21
C LEU B 189 4.09 -1.75 20.94
N LEU B 190 3.61 -1.54 22.16
CA LEU B 190 3.00 -2.53 23.09
C LEU B 190 1.58 -2.06 23.43
N SER B 191 0.61 -2.96 23.33
CA SER B 191 -0.84 -2.68 23.50
C SER B 191 -1.48 -3.90 24.16
N PRO B 192 -2.05 -3.81 25.41
CA PRO B 192 -2.78 -4.95 26.00
C PRO B 192 -4.15 -5.28 25.32
N VAL B 193 -4.49 -6.56 25.16
CA VAL B 193 -5.78 -6.98 24.51
C VAL B 193 -6.54 -7.97 25.40
N GLY B 194 -7.88 -7.84 25.45
CA GLY B 194 -8.76 -8.84 26.10
C GLY B 194 -8.88 -10.11 25.27
N PRO B 195 -9.71 -11.08 25.69
CA PRO B 195 -10.04 -12.24 24.85
C PRO B 195 -10.82 -11.86 23.58
N TYR B 196 -10.61 -12.58 22.47
CA TYR B 196 -11.32 -12.30 21.19
C TYR B 196 -12.80 -12.57 21.45
N PHE B 197 -13.09 -13.67 22.17
CA PHE B 197 -14.44 -14.10 22.64
C PHE B 197 -14.72 -13.69 24.10
N SER B 198 -15.24 -12.47 24.33
CA SER B 198 -15.54 -11.92 25.69
C SER B 198 -16.53 -12.86 26.42
N SER B 199 -17.39 -13.57 25.69
CA SER B 199 -18.29 -14.61 26.23
C SER B 199 -17.48 -15.70 26.96
N GLY B 200 -16.34 -16.10 26.40
CA GLY B 200 -15.49 -17.19 26.92
C GLY B 200 -15.62 -18.47 26.10
N THR B 201 -16.67 -18.58 25.27
CA THR B 201 -16.78 -19.65 24.24
C THR B 201 -17.07 -19.03 22.87
N PHE B 202 -16.90 -19.85 21.85
CA PHE B 202 -16.94 -19.56 20.39
C PHE B 202 -18.22 -18.82 19.95
N ASN B 203 -18.08 -17.58 19.49
CA ASN B 203 -19.09 -16.84 18.69
C ASN B 203 -18.75 -17.05 17.22
N PRO B 204 -19.55 -17.81 16.43
CA PRO B 204 -19.29 -17.96 14.99
C PRO B 204 -19.60 -16.69 14.18
N VAL B 205 -18.87 -16.47 13.07
CA VAL B 205 -18.91 -15.28 12.17
C VAL B 205 -19.52 -15.64 10.80
N SER B 206 -20.23 -14.68 10.20
CA SER B 206 -20.73 -14.67 8.79
C SER B 206 -19.70 -13.96 7.90
N LEU B 207 -19.52 -14.46 6.68
CA LEU B 207 -18.56 -13.98 5.65
C LEU B 207 -19.31 -13.44 4.40
N TRP B 208 -18.83 -12.29 3.89
CA TRP B 208 -19.22 -11.66 2.61
C TRP B 208 -18.27 -12.14 1.50
N ALA B 209 -18.82 -12.87 0.53
CA ALA B 209 -18.07 -13.48 -0.60
C ALA B 209 -18.54 -12.83 -1.91
N ASN B 210 -17.76 -11.86 -2.37
CA ASN B 210 -17.94 -11.10 -3.63
C ASN B 210 -16.68 -11.17 -4.49
N PRO B 211 -16.73 -11.77 -5.70
CA PRO B 211 -15.54 -11.97 -6.54
C PRO B 211 -15.00 -10.69 -7.19
N LYS B 212 -15.79 -9.63 -7.12
CA LYS B 212 -15.47 -8.26 -7.63
C LYS B 212 -14.16 -7.75 -7.00
N TYR B 213 -13.86 -8.06 -5.74
CA TYR B 213 -12.58 -7.70 -5.04
C TYR B 213 -11.61 -8.90 -4.93
N VAL B 214 -10.32 -8.57 -5.06
CA VAL B 214 -9.15 -9.48 -4.88
C VAL B 214 -8.17 -8.90 -3.86
N ARG B 215 -7.70 -9.74 -2.94
CA ARG B 215 -6.78 -9.30 -1.86
C ARG B 215 -5.34 -9.24 -2.37
N ALA B 216 -4.98 -10.23 -3.21
CA ALA B 216 -3.58 -10.54 -3.59
C ALA B 216 -3.56 -11.39 -4.86
N TRP B 217 -2.54 -11.19 -5.71
CA TRP B 217 -2.46 -11.81 -7.06
C TRP B 217 -1.10 -12.49 -7.20
N LYS B 218 -0.98 -13.44 -8.12
CA LYS B 218 0.33 -13.99 -8.56
C LYS B 218 1.17 -12.85 -9.14
N GLY B 219 2.45 -12.80 -8.76
CA GLY B 219 3.41 -11.76 -9.12
C GLY B 219 3.34 -10.57 -8.17
N GLY B 220 2.51 -10.63 -7.12
CA GLY B 220 2.28 -9.54 -6.14
C GLY B 220 3.08 -9.67 -4.84
N THR B 221 2.60 -9.04 -3.76
CA THR B 221 3.26 -8.93 -2.42
C THR B 221 2.37 -9.51 -1.32
N GLY B 222 1.30 -10.24 -1.67
CA GLY B 222 0.34 -10.79 -0.68
C GLY B 222 0.97 -11.79 0.31
N ASP B 223 2.18 -12.33 0.07
CA ASP B 223 2.82 -13.27 1.03
C ASP B 223 3.80 -12.53 1.97
N CYS B 224 3.74 -11.19 2.04
CA CYS B 224 4.54 -10.34 2.98
C CYS B 224 3.56 -9.49 3.78
N LYS B 225 3.92 -9.06 4.99
CA LYS B 225 3.07 -8.15 5.77
C LYS B 225 3.48 -6.69 5.45
N MET B 226 3.26 -6.24 4.21
CA MET B 226 3.55 -4.84 3.79
C MET B 226 2.25 -4.02 3.84
N GLY B 227 2.32 -2.78 4.29
CA GLY B 227 1.16 -1.92 4.55
C GLY B 227 0.18 -1.91 3.38
N GLY B 228 0.69 -1.80 2.18
CA GLY B 228 -0.09 -1.63 0.94
C GLY B 228 -1.06 -2.75 0.67
N ASN B 229 -0.83 -3.94 1.26
CA ASN B 229 -1.73 -5.12 1.09
C ASN B 229 -3.07 -4.86 1.82
N TYR B 230 -3.05 -3.99 2.85
CA TYR B 230 -4.18 -3.79 3.80
C TYR B 230 -5.05 -2.55 3.41
N GLY B 231 -4.45 -1.47 2.92
CA GLY B 231 -5.15 -0.20 2.60
C GLY B 231 -6.31 -0.41 1.63
N SER B 232 -6.24 -1.43 0.80
CA SER B 232 -7.13 -1.66 -0.36
C SER B 232 -8.33 -2.53 0.04
N SER B 233 -8.32 -3.11 1.24
CA SER B 233 -9.32 -4.09 1.75
C SER B 233 -10.46 -3.39 2.53
N LEU B 234 -10.28 -2.12 2.90
CA LEU B 234 -11.22 -1.40 3.79
C LEU B 234 -12.58 -1.22 3.08
N PHE B 235 -12.63 -0.91 1.79
CA PHE B 235 -13.93 -0.72 1.04
C PHE B 235 -14.72 -2.04 1.06
N ALA B 236 -13.99 -3.18 0.91
CA ALA B 236 -14.64 -4.51 0.86
C ALA B 236 -15.28 -4.82 2.21
N GLN B 237 -14.56 -4.53 3.30
CA GLN B 237 -14.96 -4.78 4.71
C GLN B 237 -16.16 -3.91 5.08
N CYS B 238 -16.13 -2.61 4.76
CA CYS B 238 -17.29 -1.68 4.90
C CYS B 238 -18.52 -2.28 4.17
N GLU B 239 -18.35 -2.85 2.97
CA GLU B 239 -19.48 -3.51 2.23
C GLU B 239 -19.95 -4.77 2.99
N ALA B 240 -19.02 -5.56 3.54
CA ALA B 240 -19.35 -6.81 4.27
C ALA B 240 -20.30 -6.45 5.42
N VAL B 241 -19.93 -5.41 6.19
CA VAL B 241 -20.66 -4.96 7.41
C VAL B 241 -22.06 -4.49 6.97
N ASP B 242 -22.16 -3.73 5.88
CA ASP B 242 -23.48 -3.20 5.40
C ASP B 242 -24.42 -4.36 5.07
N ASN B 243 -23.90 -5.55 4.70
CA ASN B 243 -24.74 -6.73 4.34
C ASN B 243 -24.80 -7.73 5.52
N GLY B 244 -24.46 -7.30 6.74
CA GLY B 244 -24.63 -8.04 8.01
C GLY B 244 -23.49 -9.00 8.33
N CYS B 245 -22.35 -8.96 7.61
CA CYS B 245 -21.27 -9.97 7.82
C CYS B 245 -20.17 -9.31 8.65
N GLN B 246 -19.29 -10.12 9.21
CA GLN B 246 -18.25 -9.62 10.16
C GLN B 246 -16.90 -9.61 9.45
N GLN B 247 -16.75 -10.38 8.38
CA GLN B 247 -15.45 -10.56 7.67
C GLN B 247 -15.71 -10.82 6.20
N VAL B 248 -14.68 -10.60 5.39
CA VAL B 248 -14.62 -10.87 3.93
C VAL B 248 -14.05 -12.27 3.67
N LEU B 249 -14.68 -13.02 2.77
CA LEU B 249 -14.07 -14.24 2.23
C LEU B 249 -13.41 -13.89 0.90
N TRP B 250 -12.07 -13.84 0.88
CA TRP B 250 -11.24 -13.53 -0.31
C TRP B 250 -11.29 -14.62 -1.42
N LEU B 251 -11.93 -14.29 -2.56
CA LEU B 251 -12.02 -15.15 -3.77
C LEU B 251 -11.00 -14.73 -4.84
N TYR B 252 -10.50 -15.72 -5.56
CA TYR B 252 -9.37 -15.58 -6.51
C TYR B 252 -9.57 -16.51 -7.71
N GLY B 253 -9.40 -15.95 -8.92
CA GLY B 253 -9.36 -16.69 -10.20
C GLY B 253 -10.73 -16.97 -10.79
N GLU B 254 -10.76 -17.55 -11.99
CA GLU B 254 -12.02 -17.86 -12.73
C GLU B 254 -12.77 -19.01 -12.05
N ASP B 255 -12.15 -19.81 -11.18
CA ASP B 255 -12.82 -20.96 -10.51
C ASP B 255 -13.26 -20.57 -9.07
N HIS B 256 -13.08 -19.32 -8.66
CA HIS B 256 -13.47 -18.80 -7.32
C HIS B 256 -12.82 -19.64 -6.19
N GLN B 257 -11.49 -19.73 -6.19
CA GLN B 257 -10.71 -20.31 -5.06
C GLN B 257 -10.98 -19.47 -3.81
N ILE B 258 -11.24 -20.13 -2.66
CA ILE B 258 -11.23 -19.53 -1.29
C ILE B 258 -9.79 -19.54 -0.74
N THR B 259 -9.31 -18.38 -0.33
CA THR B 259 -7.88 -18.10 -0.02
C THR B 259 -7.70 -17.82 1.47
N GLU B 260 -8.31 -16.72 1.94
CA GLU B 260 -8.18 -16.18 3.31
C GLU B 260 -9.56 -15.70 3.84
N VAL B 261 -9.70 -15.58 5.17
CA VAL B 261 -10.88 -15.04 5.89
C VAL B 261 -10.43 -13.75 6.57
N GLY B 262 -10.69 -12.58 5.98
CA GLY B 262 -10.22 -11.29 6.51
C GLY B 262 -8.69 -11.21 6.53
N THR B 263 -8.10 -10.95 7.70
CA THR B 263 -6.64 -11.15 7.96
C THR B 263 -6.36 -12.45 8.74
N MET B 264 -7.06 -13.57 8.45
CA MET B 264 -6.82 -14.92 9.06
C MET B 264 -6.65 -15.98 7.97
N ASN B 265 -5.79 -16.99 8.21
CA ASN B 265 -5.64 -18.15 7.28
C ASN B 265 -6.93 -18.97 7.35
N LEU B 266 -7.22 -19.75 6.31
CA LEU B 266 -8.50 -20.50 6.10
C LEU B 266 -8.26 -22.01 6.17
N PHE B 267 -9.04 -22.73 6.99
CA PHE B 267 -9.00 -24.21 7.20
C PHE B 267 -10.40 -24.83 7.02
N LEU B 268 -10.44 -26.02 6.40
CA LEU B 268 -11.68 -26.83 6.18
C LEU B 268 -11.43 -28.28 6.60
N TYR B 269 -12.26 -28.76 7.53
CA TYR B 269 -12.33 -30.14 8.06
C TYR B 269 -13.58 -30.80 7.48
N TRP B 270 -13.39 -31.88 6.72
CA TRP B 270 -14.43 -32.45 5.81
C TRP B 270 -14.05 -33.85 5.33
N ILE B 271 -15.02 -34.54 4.72
CA ILE B 271 -14.80 -35.75 3.89
C ILE B 271 -14.48 -35.23 2.49
N ASN B 272 -13.28 -35.54 1.98
CA ASN B 272 -12.81 -35.11 0.64
C ASN B 272 -13.55 -35.92 -0.45
N GLU B 273 -13.18 -35.71 -1.70
CA GLU B 273 -13.74 -36.33 -2.93
C GLU B 273 -13.47 -37.84 -2.95
N ASP B 274 -12.46 -38.35 -2.24
CA ASP B 274 -12.11 -39.82 -2.27
C ASP B 274 -12.73 -40.54 -1.06
N GLY B 275 -13.64 -39.91 -0.30
CA GLY B 275 -14.29 -40.51 0.88
C GLY B 275 -13.46 -40.49 2.18
N GLU B 276 -12.33 -39.78 2.22
CA GLU B 276 -11.35 -39.79 3.37
C GLU B 276 -11.49 -38.51 4.21
N GLU B 277 -11.50 -38.69 5.52
CA GLU B 277 -11.48 -37.60 6.52
C GLU B 277 -10.18 -36.82 6.32
N GLU B 278 -10.25 -35.50 6.12
CA GLU B 278 -9.12 -34.64 5.66
C GLU B 278 -9.19 -33.28 6.37
N LEU B 279 -8.05 -32.73 6.80
CA LEU B 279 -7.91 -31.29 7.14
C LEU B 279 -7.18 -30.63 5.99
N ALA B 280 -7.75 -29.56 5.43
CA ALA B 280 -7.27 -28.88 4.21
C ALA B 280 -7.07 -27.37 4.47
N THR B 281 -5.99 -26.81 3.92
CA THR B 281 -5.74 -25.35 3.79
C THR B 281 -5.10 -25.10 2.43
N PRO B 282 -5.34 -23.91 1.83
CA PRO B 282 -4.63 -23.49 0.62
C PRO B 282 -3.10 -23.50 0.68
N PRO B 283 -2.42 -23.76 -0.47
CA PRO B 283 -0.97 -23.75 -0.57
C PRO B 283 -0.33 -22.36 -0.63
N LEU B 284 0.97 -22.34 -0.33
CA LEU B 284 1.81 -21.10 -0.29
C LEU B 284 2.34 -20.87 -1.69
N ASP B 285 1.46 -20.42 -2.60
CA ASP B 285 1.75 -20.28 -4.05
C ASP B 285 1.93 -18.79 -4.39
N GLY B 286 2.01 -17.90 -3.40
CA GLY B 286 2.22 -16.45 -3.65
C GLY B 286 1.13 -15.52 -3.14
N ILE B 287 -0.14 -15.97 -3.05
CA ILE B 287 -1.31 -15.11 -2.64
C ILE B 287 -1.68 -15.32 -1.16
N ILE B 288 -0.93 -16.15 -0.42
CA ILE B 288 -1.24 -16.52 0.99
C ILE B 288 -0.14 -16.01 1.93
N LEU B 289 -0.55 -15.35 3.04
CA LEU B 289 0.40 -15.01 4.12
C LEU B 289 0.72 -16.28 4.90
N PRO B 290 2.01 -16.65 5.03
CA PRO B 290 2.35 -17.83 5.82
C PRO B 290 2.29 -17.45 7.32
N GLY B 291 1.10 -17.70 7.90
CA GLY B 291 0.75 -17.55 9.33
C GLY B 291 1.60 -18.43 10.21
N VAL B 292 2.04 -17.90 11.38
CA VAL B 292 2.69 -18.72 12.46
C VAL B 292 1.65 -19.77 12.91
N THR B 293 0.39 -19.34 13.16
CA THR B 293 -0.69 -20.25 13.64
C THR B 293 -0.90 -21.37 12.59
N ARG B 294 -0.91 -21.02 11.30
CA ARG B 294 -1.25 -21.96 10.22
C ARG B 294 -0.16 -23.05 10.21
N ARG B 295 1.12 -22.65 10.32
CA ARG B 295 2.30 -23.54 10.46
C ARG B 295 2.10 -24.41 11.72
N CYS B 296 1.70 -23.81 12.85
CA CYS B 296 1.58 -24.56 14.12
C CYS B 296 0.49 -25.64 13.98
N ILE B 297 -0.63 -25.30 13.32
CA ILE B 297 -1.81 -26.21 13.24
C ILE B 297 -1.54 -27.40 12.31
N LEU B 298 -0.90 -27.21 11.16
CA LEU B 298 -0.49 -28.31 10.25
C LEU B 298 0.49 -29.27 10.96
N ASP B 299 1.46 -28.73 11.74
CA ASP B 299 2.44 -29.54 12.55
C ASP B 299 1.69 -30.45 13.54
N LEU B 300 0.69 -29.89 14.23
CA LEU B 300 -0.15 -30.62 15.23
C LEU B 300 -0.93 -31.70 14.50
N ALA B 301 -1.58 -31.36 13.40
CA ALA B 301 -2.40 -32.30 12.61
C ALA B 301 -1.54 -33.45 12.06
N HIS B 302 -0.32 -33.19 11.55
CA HIS B 302 0.63 -34.25 11.12
C HIS B 302 0.97 -35.13 12.33
N GLN B 303 1.31 -34.55 13.48
CA GLN B 303 1.68 -35.34 14.69
C GLN B 303 0.51 -36.25 15.13
N TRP B 304 -0.73 -35.73 15.17
CA TRP B 304 -1.88 -36.52 15.72
C TRP B 304 -2.10 -37.77 14.84
N GLY B 305 -1.92 -37.59 13.53
CA GLY B 305 -2.02 -38.63 12.49
C GLY B 305 -3.34 -39.37 12.52
N GLU B 306 -4.44 -38.71 12.87
CA GLU B 306 -5.76 -39.37 12.99
C GLU B 306 -6.55 -39.12 11.70
N PHE B 307 -5.98 -38.34 10.78
CA PHE B 307 -6.64 -38.01 9.48
C PHE B 307 -5.62 -37.42 8.51
N LYS B 308 -6.00 -37.39 7.23
CA LYS B 308 -5.20 -36.77 6.15
C LYS B 308 -5.08 -35.26 6.35
N VAL B 309 -3.96 -34.72 5.86
CA VAL B 309 -3.54 -33.29 5.93
C VAL B 309 -3.06 -32.89 4.53
N SER B 310 -3.74 -31.94 3.88
CA SER B 310 -3.49 -31.50 2.48
C SER B 310 -3.37 -29.99 2.40
N GLU B 311 -2.31 -29.50 1.77
CA GLU B 311 -2.18 -28.11 1.29
C GLU B 311 -2.62 -28.15 -0.17
N ARG B 312 -3.88 -27.84 -0.45
CA ARG B 312 -4.49 -27.96 -1.81
C ARG B 312 -5.47 -26.79 -2.04
N TYR B 313 -5.88 -26.64 -3.30
CA TYR B 313 -6.84 -25.62 -3.83
C TYR B 313 -8.26 -26.07 -3.46
N LEU B 314 -9.08 -25.12 -3.00
CA LEU B 314 -10.50 -25.31 -2.65
C LEU B 314 -11.36 -24.19 -3.30
N THR B 315 -12.44 -24.55 -4.01
CA THR B 315 -13.37 -23.60 -4.73
C THR B 315 -14.73 -23.53 -4.03
N MET B 316 -15.53 -22.50 -4.34
CA MET B 316 -16.93 -22.39 -3.86
C MET B 316 -17.70 -23.61 -4.35
N ASP B 317 -17.42 -24.09 -5.56
CA ASP B 317 -18.06 -25.34 -6.07
C ASP B 317 -17.70 -26.53 -5.17
N ASP B 318 -16.42 -26.67 -4.78
CA ASP B 318 -15.98 -27.82 -3.93
C ASP B 318 -16.82 -27.79 -2.65
N LEU B 319 -17.05 -26.60 -2.11
CA LEU B 319 -17.72 -26.41 -0.80
C LEU B 319 -19.22 -26.71 -0.89
N THR B 320 -19.92 -26.13 -1.90
CA THR B 320 -21.39 -26.30 -2.10
C THR B 320 -21.69 -27.76 -2.50
N THR B 321 -20.88 -28.37 -3.36
CA THR B 321 -20.99 -29.82 -3.67
C THR B 321 -20.84 -30.62 -2.35
N ALA B 322 -19.92 -30.27 -1.45
CA ALA B 322 -19.71 -31.05 -0.19
C ALA B 322 -20.94 -30.92 0.74
N LEU B 323 -21.45 -29.70 0.95
CA LEU B 323 -22.65 -29.43 1.79
C LEU B 323 -23.87 -30.24 1.26
N GLU B 324 -24.08 -30.33 -0.05
CA GLU B 324 -25.20 -31.13 -0.63
C GLU B 324 -25.09 -32.58 -0.13
N GLY B 325 -23.89 -33.15 -0.01
CA GLY B 325 -23.67 -34.54 0.44
C GLY B 325 -23.28 -34.71 1.91
N ASN B 326 -23.48 -33.70 2.76
CA ASN B 326 -23.32 -33.79 4.24
C ASN B 326 -21.85 -34.10 4.60
N ARG B 327 -20.89 -33.73 3.74
CA ARG B 327 -19.45 -34.05 3.89
C ARG B 327 -18.67 -33.02 4.74
N VAL B 328 -19.19 -31.81 4.98
CA VAL B 328 -18.48 -30.72 5.71
C VAL B 328 -18.70 -30.83 7.23
N ARG B 329 -17.65 -30.72 8.03
CA ARG B 329 -17.73 -30.80 9.52
CA ARG B 329 -17.75 -30.80 9.51
C ARG B 329 -17.55 -29.40 10.11
N GLU B 330 -16.48 -28.70 9.72
CA GLU B 330 -16.00 -27.48 10.45
C GLU B 330 -15.24 -26.60 9.48
N MET B 331 -15.51 -25.30 9.49
CA MET B 331 -14.69 -24.26 8.83
C MET B 331 -14.29 -23.19 9.89
N PHE B 332 -13.02 -22.80 9.89
CA PHE B 332 -12.47 -21.82 10.87
C PHE B 332 -11.28 -21.05 10.29
N GLY B 333 -11.17 -19.79 10.72
CA GLY B 333 -9.99 -18.91 10.50
C GLY B 333 -8.94 -19.17 11.56
N SER B 334 -7.69 -18.79 11.30
CA SER B 334 -6.57 -18.97 12.26
C SER B 334 -5.68 -17.73 12.27
N GLY B 335 -5.29 -17.24 13.44
CA GLY B 335 -4.21 -16.22 13.51
C GLY B 335 -3.79 -15.86 14.91
N THR B 336 -2.99 -14.81 15.06
CA THR B 336 -2.60 -14.30 16.42
C THR B 336 -3.82 -13.66 17.08
N ALA B 337 -4.73 -13.17 16.27
CA ALA B 337 -5.95 -12.47 16.73
C ALA B 337 -6.82 -13.40 17.57
N CYS B 338 -7.21 -14.51 16.95
CA CYS B 338 -8.26 -15.46 17.43
C CYS B 338 -7.67 -16.77 17.99
N VAL B 339 -6.54 -17.23 17.45
CA VAL B 339 -6.04 -18.64 17.53
C VAL B 339 -6.90 -19.46 16.57
N VAL B 340 -8.19 -19.65 16.89
CA VAL B 340 -9.19 -20.30 16.01
C VAL B 340 -10.53 -19.55 16.06
N CYS B 341 -11.13 -19.30 14.90
CA CYS B 341 -12.34 -18.47 14.69
C CYS B 341 -13.34 -19.21 13.79
N PRO B 342 -14.35 -19.90 14.34
CA PRO B 342 -15.29 -20.67 13.55
C PRO B 342 -16.22 -19.85 12.66
N VAL B 343 -16.60 -20.45 11.53
CA VAL B 343 -17.49 -19.90 10.47
C VAL B 343 -18.81 -20.66 10.47
N SER B 344 -19.94 -19.92 10.54
CA SER B 344 -21.33 -20.46 10.56
C SER B 344 -22.07 -20.22 9.22
N ASP B 345 -21.73 -19.17 8.45
CA ASP B 345 -22.46 -18.88 7.17
C ASP B 345 -21.61 -18.06 6.18
N ILE B 346 -22.00 -18.11 4.90
CA ILE B 346 -21.36 -17.41 3.75
C ILE B 346 -22.45 -16.86 2.84
N LEU B 347 -22.42 -15.57 2.55
CA LEU B 347 -23.30 -14.89 1.58
C LEU B 347 -22.58 -14.82 0.23
N TYR B 348 -23.23 -15.33 -0.80
CA TYR B 348 -22.65 -15.63 -2.13
C TYR B 348 -23.76 -15.62 -3.20
N LYS B 349 -23.62 -14.83 -4.25
CA LYS B 349 -24.58 -14.83 -5.40
C LYS B 349 -26.04 -14.81 -4.90
N GLY B 350 -26.33 -13.92 -3.95
CA GLY B 350 -27.68 -13.53 -3.53
C GLY B 350 -28.27 -14.41 -2.45
N GLU B 351 -27.58 -15.47 -2.00
CA GLU B 351 -28.13 -16.48 -1.04
C GLU B 351 -27.22 -16.56 0.21
N THR B 352 -27.77 -16.96 1.36
CA THR B 352 -27.03 -17.33 2.59
C THR B 352 -26.79 -18.85 2.58
N ILE B 353 -25.53 -19.28 2.66
CA ILE B 353 -25.15 -20.72 2.74
C ILE B 353 -24.68 -21.00 4.18
N HIS B 354 -25.33 -21.93 4.88
CA HIS B 354 -25.01 -22.33 6.27
C HIS B 354 -23.95 -23.44 6.28
N ILE B 355 -22.95 -23.30 7.16
CA ILE B 355 -21.83 -24.24 7.42
C ILE B 355 -22.02 -24.82 8.82
N PRO B 356 -22.14 -26.16 8.96
CA PRO B 356 -22.49 -26.78 10.23
C PRO B 356 -21.36 -26.93 11.28
N THR B 357 -20.46 -25.97 11.36
CA THR B 357 -19.31 -25.95 12.31
C THR B 357 -19.76 -26.19 13.75
N MET B 358 -20.77 -25.44 14.22
CA MET B 358 -21.22 -25.38 15.65
C MET B 358 -22.14 -26.56 15.99
N GLU B 359 -22.65 -27.29 14.99
CA GLU B 359 -23.46 -28.52 15.18
C GLU B 359 -22.56 -29.76 15.21
N ASN B 360 -21.28 -29.65 14.87
CA ASN B 360 -20.27 -30.73 14.94
C ASN B 360 -19.26 -30.45 16.10
N GLY B 361 -19.66 -29.77 17.19
CA GLY B 361 -18.84 -29.56 18.40
C GLY B 361 -18.62 -28.08 18.77
N PRO B 362 -17.67 -27.34 18.14
CA PRO B 362 -16.75 -27.88 17.14
C PRO B 362 -15.53 -28.63 17.74
N LYS B 363 -15.53 -29.96 17.57
CA LYS B 363 -14.57 -30.93 18.15
C LYS B 363 -13.11 -30.55 17.83
N LEU B 364 -12.75 -30.40 16.56
CA LEU B 364 -11.35 -30.14 16.14
C LEU B 364 -10.98 -28.71 16.54
N ALA B 365 -11.83 -27.72 16.25
CA ALA B 365 -11.55 -26.32 16.63
C ALA B 365 -11.29 -26.23 18.15
N SER B 366 -12.06 -26.95 18.99
CA SER B 366 -11.92 -26.96 20.47
C SER B 366 -10.56 -27.54 20.85
N ARG B 367 -10.22 -28.69 20.26
CA ARG B 367 -8.97 -29.42 20.58
C ARG B 367 -7.77 -28.55 20.24
N ILE B 368 -7.83 -27.85 19.12
CA ILE B 368 -6.75 -26.93 18.66
C ILE B 368 -6.64 -25.78 19.68
N LEU B 369 -7.77 -25.13 20.03
CA LEU B 369 -7.78 -23.94 20.91
C LEU B 369 -7.10 -24.31 22.24
N SER B 370 -7.43 -25.49 22.75
CA SER B 370 -7.06 -25.90 24.12
C SER B 370 -5.58 -26.27 24.17
N LYS B 371 -5.10 -27.00 23.18
CA LYS B 371 -3.65 -27.32 22.99
C LYS B 371 -2.81 -26.03 22.90
N LEU B 372 -3.12 -25.15 21.97
CA LEU B 372 -2.29 -23.93 21.73
C LEU B 372 -2.35 -23.01 22.96
N THR B 373 -3.45 -22.92 23.69
CA THR B 373 -3.53 -22.02 24.88
C THR B 373 -2.76 -22.68 26.03
N ASP B 374 -2.79 -24.02 26.10
CA ASP B 374 -2.03 -24.84 27.08
C ASP B 374 -0.53 -24.60 26.88
N ILE B 375 -0.08 -24.48 25.63
CA ILE B 375 1.34 -24.13 25.35
C ILE B 375 1.59 -22.64 25.67
N GLN B 376 0.75 -21.74 25.19
CA GLN B 376 0.93 -20.27 25.37
C GLN B 376 1.02 -19.86 26.84
N TYR B 377 0.20 -20.43 27.71
CA TYR B 377 0.04 -20.06 29.15
C TYR B 377 0.76 -21.04 30.07
N GLY B 378 1.65 -21.87 29.52
CA GLY B 378 2.61 -22.66 30.31
C GLY B 378 2.01 -23.82 31.08
N ARG B 379 0.86 -24.36 30.64
CA ARG B 379 0.23 -25.55 31.30
C ARG B 379 1.02 -26.83 30.94
N GLU B 380 1.84 -26.78 29.89
CA GLU B 380 2.73 -27.88 29.46
C GLU B 380 4.00 -27.28 28.87
N GLU B 381 5.14 -27.98 28.96
CA GLU B 381 6.45 -27.51 28.40
C GLU B 381 6.38 -27.63 26.87
N ARG B 382 7.12 -26.80 26.12
CA ARG B 382 7.14 -26.84 24.64
C ARG B 382 8.38 -26.13 24.10
N ASP B 383 8.93 -26.68 23.00
CA ASP B 383 9.95 -26.05 22.12
C ASP B 383 9.44 -24.69 21.59
N TRP B 384 8.11 -24.46 21.51
CA TRP B 384 7.51 -23.29 20.83
C TRP B 384 7.53 -22.03 21.68
N THR B 385 7.96 -22.11 22.95
CA THR B 385 7.90 -20.97 23.89
C THR B 385 9.30 -20.65 24.42
N ILE B 386 9.47 -19.37 24.75
CA ILE B 386 10.70 -18.71 25.29
C ILE B 386 10.27 -17.96 26.55
N VAL B 387 10.78 -18.36 27.72
CA VAL B 387 10.56 -17.62 28.99
C VAL B 387 11.40 -16.35 28.91
N LEU B 388 10.80 -15.18 29.19
CA LEU B 388 11.53 -13.90 29.34
C LEU B 388 12.51 -13.98 30.51
N SER B 389 13.79 -13.78 30.22
CA SER B 389 14.92 -13.89 31.18
C SER B 389 15.15 -12.50 31.83
C4 UUQ C . 9.93 11.73 -11.94
C5 UUQ C . 9.18 12.90 -11.99
C6 UUQ C . 7.80 12.87 -11.70
C7 UUQ C . 11.31 11.76 -12.24
C8 UUQ C . 11.93 12.95 -12.60
C10 UUQ C . 9.80 14.09 -12.37
N12 UUQ C . 10.02 9.33 -11.55
C15 UUQ C . 5.11 10.72 -10.41
C17 UUQ C . 4.73 9.32 -8.46
C20 UUQ C . 4.07 10.05 -11.08
C21 UUQ C . 6.55 11.02 -8.29
C22 UUQ C . 10.27 8.69 -12.77
C28 UUQ C . 11.42 6.91 -11.64
C16 UUQ C . 5.42 10.34 -9.08
C18 UUQ C . 3.70 8.64 -9.14
C19 UUQ C . 3.37 9.02 -10.46
O13 UUQ C . 5.76 11.74 -11.08
C1 UUQ C . 7.14 11.68 -11.36
C2 UUQ C . 7.91 10.50 -11.30
C11 UUQ C . 7.06 14.08 -11.78
N14 UUQ C . 6.44 15.03 -11.84
C9 UUQ C . 11.16 14.11 -12.65
C3 UUQ C . 9.29 10.53 -11.59
C25 UUQ C . 10.48 8.75 -10.38
O26 UUQ C . 10.28 9.29 -9.30
C27 UUQ C . 11.18 7.54 -10.41
C29 UUQ C . 12.18 5.59 -11.79
F31 UUQ C . 12.57 5.07 -10.63
F32 UUQ C . 11.41 4.70 -12.42
F30 UUQ C . 13.26 5.87 -12.51
N23 UUQ C . 10.96 7.52 -12.80
O24 UUQ C . 9.90 9.17 -13.82
N1 PLP D . 0.60 5.79 -14.51
C2 PLP D . 0.57 5.72 -13.17
C2A PLP D . 0.61 4.36 -12.54
C3 PLP D . 0.49 6.88 -12.40
O3 PLP D . 0.46 6.77 -11.06
C4 PLP D . 0.46 8.14 -13.02
C4A PLP D . 0.37 9.33 -12.17
C5 PLP D . 0.50 8.18 -14.43
C6 PLP D . 0.57 7.00 -15.11
C5A PLP D . 0.48 9.47 -15.20
O4P PLP D . -0.71 10.25 -14.90
P PLP D . -0.71 11.85 -15.27
O1P PLP D . 0.56 12.45 -14.66
O2P PLP D . -1.96 12.29 -14.60
O3P PLP D . -0.72 11.97 -16.76
C4 UUQ E . -8.15 -7.94 15.52
C5 UUQ E . -7.10 -8.35 16.38
C6 UUQ E . -5.83 -8.60 15.85
C7 UUQ E . -9.42 -7.70 16.06
C8 UUQ E . -9.66 -7.85 17.43
C10 UUQ E . -7.35 -8.50 17.74
N12 UUQ E . -8.98 -7.44 13.33
C15 UUQ E . -3.90 -8.28 12.79
C17 UUQ E . -3.19 -8.69 10.50
C20 UUQ E . -3.82 -6.92 12.56
C21 UUQ E . -3.66 -10.66 11.93
C22 UUQ E . -9.84 -8.47 12.88
C28 UUQ E . -11.18 -6.82 11.73
C16 UUQ E . -3.60 -9.16 11.75
C18 UUQ E . -3.11 -7.32 10.28
C19 UUQ E . -3.42 -6.44 11.32
O13 UUQ E . -4.29 -8.72 14.02
C1 UUQ E . -5.57 -8.46 14.48
C2 UUQ E . -6.63 -8.06 13.63
C11 UUQ E . -4.76 -9.04 16.71
N14 UUQ E . -3.94 -9.38 17.42
C9 UUQ E . -8.62 -8.26 18.28
C3 UUQ E . -7.90 -7.79 14.15
C25 UUQ E . -9.24 -6.11 12.98
O26 UUQ E . -8.49 -5.24 13.37
C27 UUQ E . -10.33 -5.80 12.17
C29 UUQ E . -12.43 -6.56 10.85
F31 UUQ E . -13.46 -6.93 11.57
F32 UUQ E . -12.58 -5.32 10.52
F30 UUQ E . -12.39 -7.27 9.75
N23 UUQ E . -10.93 -8.14 12.10
O24 UUQ E . -9.69 -9.65 13.16
N1 PLP F . -3.34 -13.60 6.77
C2 PLP F . -3.00 -12.32 6.69
C2A PLP F . -3.45 -11.53 5.49
C3 PLP F . -2.24 -11.71 7.73
O3 PLP F . -1.87 -10.42 7.57
C4 PLP F . -1.84 -12.47 8.84
C4A PLP F . -1.03 -11.81 9.88
C5 PLP F . -2.22 -13.83 8.89
C6 PLP F . -2.98 -14.32 7.86
C5A PLP F . -1.91 -14.74 10.05
O4P PLP F . -0.55 -14.66 10.57
P PLP F . -0.20 -15.13 12.07
O1P PLP F . 1.30 -15.20 12.07
O2P PLP F . -0.72 -14.10 13.08
O3P PLP F . -0.87 -16.48 12.27
MG MG G . 25.08 -10.70 15.07
#